data_7TPG
#
_entry.id   7TPG
#
_cell.length_a   1.00
_cell.length_b   1.00
_cell.length_c   1.00
_cell.angle_alpha   90.00
_cell.angle_beta   90.00
_cell.angle_gamma   90.00
#
_symmetry.space_group_name_H-M   'P 1'
#
loop_
_entity.id
_entity.type
_entity.pdbx_description
1 polymer 'Putative cell surface polysaccharide polymerase/ligase'
2 polymer 'Fab Heavy (H) Chain'
3 polymer 'Fab Light (L) Chain'
4 non-polymer 'GERANYL DIPHOSPHATE'
#
loop_
_entity_poly.entity_id
_entity_poly.type
_entity_poly.pdbx_seq_one_letter_code
_entity_poly.pdbx_strand_id
1 'polypeptide(L)'
;MTDSNKLLSRMATVLVFAFPVLILCVPRGAGVFLAGVGVLALLGWRGMGRAWREYSKVMTPLAIAVLAFMLVYVGSKLYF
HTPWNVIDNPSRTLLAILTCWVIVRAAPNPAWLWRGITVGLFLALLIVGYQKFALNIDRPSAWIQAIAFANMIAALALVG
FARPGDSRGTHMEAWVNLLLGTMILMLNGTRGAVVAMLVTSVPMLMIRYRRFSVRMLIVAVCAVATLAIGAYMVPDSPVS
KRVDDAVSEIQMYRQGNIETSVGVRLKIWHIGLQYFSEHPWTGVGVGQFARILHASEFCHETKSLACVLEHAHNDIVEAA
STTGIPGLMVMLGLFLVPAVLFARALRAARSLGNPQGVSLGGAGLGVVMASLISGLTQVTMAHQANVVFYAGLIGLLLGM
AGREAHSARTDAV
;
B
2 'polypeptide(L)'
;EISEVQLVESGGGLVQPGGSLRLSCAASGFNVYSSSIHWVRQAPGKGLEWVAYISSYYGSTYYADSVKGRFTISADTSKN
TAYLQMNSLRAEDTAVYYCARIMFKWVSPNMAFDYWGQGTLVTVSSASTKGPSVFPLAPSSKSTSGGTAALGCLVKDYFP
EPVTVSWNSGALTSGVHTFPAVLQSSGLYSLSSVVTVPSSSLGTQTYICNVNHKPSNTKVDKKVEPKSCDKTHTC
;
H
3 'polypeptide(L)'
;SDIQMTQSPSSLSASVGDRVTITCRASQSVSSAVAWYQQKPGKAPKLLIYSASSLYSGVPSRFSGSRSGTDFTLTISSLQ
PEDFATYYCQQSYYSLVTFGQGTKVEIKRTVAAPSVFIFPPSDSQLKSGTASVVCLLNNFYPREAKVQWKVDNALQSGNS
QESVTEQDSKDSTYSLSSTLTLSKADYEKHKVYACEVTHQGLSSPVTKSFNRGEC
;
L
#
loop_
_chem_comp.id
_chem_comp.type
_chem_comp.name
_chem_comp.formula
GPP non-polymer 'GERANYL DIPHOSPHATE' 'C10 H20 O7 P2'
#
# COMPACT_ATOMS: atom_id res chain seq x y z
N ASN A 5 -40.97 0.36 -11.13
CA ASN A 5 -40.79 -0.02 -9.73
C ASN A 5 -40.00 -1.32 -9.62
N LYS A 6 -40.46 -2.35 -10.35
CA LYS A 6 -39.81 -3.65 -10.30
C LYS A 6 -38.50 -3.65 -11.07
N LEU A 7 -38.45 -2.99 -12.23
CA LEU A 7 -37.22 -2.91 -12.99
C LEU A 7 -36.14 -2.17 -12.23
N LEU A 8 -36.52 -1.16 -11.45
CA LEU A 8 -35.55 -0.47 -10.59
C LEU A 8 -34.93 -1.42 -9.57
N SER A 9 -35.71 -2.39 -9.07
CA SER A 9 -35.16 -3.37 -8.13
C SER A 9 -34.28 -4.38 -8.85
N ARG A 10 -34.68 -4.81 -10.05
CA ARG A 10 -33.92 -5.83 -10.75
C ARG A 10 -32.59 -5.30 -11.26
N MET A 11 -32.59 -4.13 -11.88
CA MET A 11 -31.36 -3.51 -12.36
C MET A 11 -30.46 -3.02 -11.23
N ALA A 12 -30.97 -2.98 -10.00
CA ALA A 12 -30.16 -2.68 -8.84
C ALA A 12 -29.61 -3.92 -8.16
N THR A 13 -30.36 -5.03 -8.13
CA THR A 13 -29.78 -6.26 -7.62
C THR A 13 -28.72 -6.80 -8.58
N VAL A 14 -28.90 -6.59 -9.89
CA VAL A 14 -27.85 -6.93 -10.84
C VAL A 14 -26.60 -6.12 -10.56
N LEU A 15 -26.76 -4.82 -10.32
CA LEU A 15 -25.64 -3.95 -10.02
C LEU A 15 -24.92 -4.32 -8.73
N VAL A 16 -25.65 -4.62 -7.66
CA VAL A 16 -25.00 -5.02 -6.42
C VAL A 16 -24.33 -6.38 -6.58
N PHE A 17 -24.88 -7.25 -7.43
CA PHE A 17 -24.21 -8.50 -7.75
C PHE A 17 -22.88 -8.25 -8.46
N ALA A 18 -22.85 -7.32 -9.41
CA ALA A 18 -21.67 -7.09 -10.23
C ALA A 18 -20.66 -6.14 -9.61
N PHE A 19 -21.02 -5.45 -8.53
CA PHE A 19 -20.14 -4.43 -7.96
C PHE A 19 -18.73 -4.94 -7.62
N PRO A 20 -18.54 -6.04 -6.89
CA PRO A 20 -17.16 -6.48 -6.60
C PRO A 20 -16.37 -6.85 -7.83
N VAL A 21 -17.01 -7.53 -8.80
CA VAL A 21 -16.31 -7.94 -10.02
C VAL A 21 -15.86 -6.71 -10.80
N LEU A 22 -16.73 -5.71 -10.92
CA LEU A 22 -16.34 -4.49 -11.61
C LEU A 22 -15.21 -3.78 -10.87
N ILE A 23 -15.31 -3.68 -9.54
CA ILE A 23 -14.32 -2.92 -8.79
C ILE A 23 -12.95 -3.57 -8.89
N LEU A 24 -12.88 -4.90 -8.78
CA LEU A 24 -11.59 -5.60 -8.77
C LEU A 24 -11.13 -6.01 -10.16
N CYS A 25 -11.91 -6.86 -10.83
CA CYS A 25 -11.45 -7.50 -12.05
C CYS A 25 -11.41 -6.54 -13.23
N VAL A 26 -12.45 -5.73 -13.39
CA VAL A 26 -12.52 -4.81 -14.53
C VAL A 26 -11.50 -3.69 -14.32
N PRO A 27 -10.70 -3.33 -15.35
CA PRO A 27 -9.69 -2.29 -15.18
C PRO A 27 -10.26 -0.94 -14.74
N ARG A 28 -11.19 -0.41 -15.51
CA ARG A 28 -11.86 0.86 -15.19
C ARG A 28 -13.23 0.62 -14.58
N GLY A 29 -13.36 -0.43 -13.76
CA GLY A 29 -14.64 -0.81 -13.22
C GLY A 29 -15.23 0.18 -12.24
N ALA A 30 -14.40 1.01 -11.60
CA ALA A 30 -14.95 2.03 -10.72
C ALA A 30 -15.81 3.01 -11.50
N GLY A 31 -15.33 3.46 -12.67
CA GLY A 31 -16.14 4.34 -13.50
C GLY A 31 -17.39 3.66 -14.02
N VAL A 32 -17.28 2.37 -14.35
CA VAL A 32 -18.44 1.63 -14.82
C VAL A 32 -19.51 1.54 -13.73
N PHE A 33 -19.08 1.25 -12.50
CA PHE A 33 -20.03 1.19 -11.39
C PHE A 33 -20.62 2.56 -11.08
N LEU A 34 -19.81 3.62 -11.20
CA LEU A 34 -20.34 4.96 -11.01
C LEU A 34 -21.39 5.29 -12.07
N ALA A 35 -21.13 4.93 -13.32
CA ALA A 35 -22.12 5.14 -14.37
C ALA A 35 -23.37 4.32 -14.12
N GLY A 36 -23.21 3.09 -13.62
CA GLY A 36 -24.37 2.27 -13.32
C GLY A 36 -25.23 2.86 -12.21
N VAL A 37 -24.59 3.34 -11.14
CA VAL A 37 -25.36 3.94 -10.06
C VAL A 37 -25.93 5.29 -10.46
N GLY A 38 -25.32 5.96 -11.44
CA GLY A 38 -25.87 7.21 -11.93
C GLY A 38 -26.98 7.09 -12.95
N VAL A 39 -27.03 5.98 -13.69
CA VAL A 39 -28.13 5.73 -14.61
C VAL A 39 -29.34 5.16 -13.91
N LEU A 40 -29.14 4.47 -12.78
CA LEU A 40 -30.24 4.09 -11.90
C LEU A 40 -30.88 5.31 -11.25
N ALA A 41 -30.09 6.32 -10.94
CA ALA A 41 -30.62 7.56 -10.37
C ALA A 41 -31.45 8.35 -11.39
N LEU A 42 -31.17 8.20 -12.68
CA LEU A 42 -31.96 8.86 -13.70
C LEU A 42 -33.31 8.20 -13.93
N LEU A 43 -33.51 6.98 -13.44
CA LEU A 43 -34.81 6.33 -13.46
C LEU A 43 -35.56 6.53 -12.15
N GLY A 44 -34.93 7.08 -11.13
CA GLY A 44 -35.61 7.49 -9.92
C GLY A 44 -36.06 8.93 -10.01
N TRP A 45 -36.37 9.35 -11.24
CA TRP A 45 -36.82 10.72 -11.49
C TRP A 45 -38.09 11.04 -10.72
N ARG A 46 -39.08 10.13 -10.76
CA ARG A 46 -40.33 10.38 -10.05
C ARG A 46 -40.19 10.14 -8.56
N GLY A 47 -39.25 9.31 -8.13
CA GLY A 47 -39.04 9.07 -6.72
C GLY A 47 -37.90 9.90 -6.18
N MET A 48 -37.18 9.36 -5.19
CA MET A 48 -35.96 9.96 -4.66
C MET A 48 -36.23 11.24 -3.88
N GLY A 49 -37.49 11.69 -3.88
CA GLY A 49 -37.91 12.72 -2.93
C GLY A 49 -38.75 12.13 -1.82
N ARG A 50 -39.43 11.03 -2.10
CA ARG A 50 -40.12 10.24 -1.11
C ARG A 50 -39.30 9.03 -0.68
N ALA A 51 -37.99 9.05 -0.94
CA ALA A 51 -37.07 8.04 -0.41
C ALA A 51 -36.28 8.55 0.78
N TRP A 52 -35.89 9.82 0.75
CA TRP A 52 -35.07 10.38 1.82
C TRP A 52 -35.86 10.49 3.13
N ARG A 53 -37.14 10.84 3.04
CA ARG A 53 -37.92 11.19 4.23
C ARG A 53 -38.11 9.99 5.17
N GLU A 54 -38.52 8.84 4.64
CA GLU A 54 -38.74 7.69 5.53
C GLU A 54 -37.42 7.06 5.98
N TYR A 55 -36.33 7.34 5.28
CA TYR A 55 -35.03 6.79 5.66
C TYR A 55 -34.12 7.93 6.12
N SER A 56 -34.70 8.92 6.79
CA SER A 56 -33.95 10.05 7.29
C SER A 56 -33.27 9.77 8.61
N LYS A 57 -33.55 8.62 9.24
CA LYS A 57 -32.79 8.21 10.42
C LYS A 57 -31.43 7.65 10.07
N VAL A 58 -31.21 7.29 8.80
CA VAL A 58 -29.93 6.76 8.33
C VAL A 58 -29.29 7.68 7.30
N MET A 59 -30.10 8.27 6.41
CA MET A 59 -29.54 9.08 5.33
C MET A 59 -29.02 10.41 5.85
N THR A 60 -29.78 11.08 6.72
CA THR A 60 -29.36 12.39 7.21
C THR A 60 -28.05 12.37 7.99
N PRO A 61 -27.79 11.42 8.91
CA PRO A 61 -26.47 11.44 9.58
C PRO A 61 -25.32 11.29 8.60
N LEU A 62 -25.45 10.41 7.60
CA LEU A 62 -24.39 10.25 6.62
C LEU A 62 -24.18 11.52 5.81
N ALA A 63 -25.28 12.13 5.36
CA ALA A 63 -25.16 13.38 4.60
C ALA A 63 -24.54 14.48 5.43
N ILE A 64 -24.93 14.58 6.71
CA ILE A 64 -24.40 15.62 7.58
C ILE A 64 -22.91 15.42 7.81
N ALA A 65 -22.49 14.17 8.07
CA ALA A 65 -21.08 13.91 8.30
C ALA A 65 -20.25 14.22 7.06
N VAL A 66 -20.73 13.79 5.88
CA VAL A 66 -19.98 14.04 4.65
C VAL A 66 -19.89 15.53 4.36
N LEU A 67 -21.02 16.25 4.52
CA LEU A 67 -21.01 17.68 4.27
C LEU A 67 -20.10 18.42 5.25
N ALA A 68 -20.12 18.02 6.52
CA ALA A 68 -19.25 18.67 7.49
C ALA A 68 -17.78 18.43 7.17
N PHE A 69 -17.44 17.19 6.77
CA PHE A 69 -16.06 16.91 6.39
C PHE A 69 -15.63 17.74 5.19
N MET A 70 -16.50 17.82 4.17
CA MET A 70 -16.18 18.61 2.99
C MET A 70 -16.02 20.08 3.33
N LEU A 71 -16.91 20.61 4.19
CA LEU A 71 -16.83 22.02 4.55
C LEU A 71 -15.57 22.31 5.35
N VAL A 72 -15.18 21.41 6.25
CA VAL A 72 -13.96 21.61 7.03
C VAL A 72 -12.74 21.59 6.11
N TYR A 73 -12.72 20.67 5.15
CA TYR A 73 -11.57 20.61 4.24
C TYR A 73 -11.53 21.81 3.31
N VAL A 74 -12.69 22.34 2.92
CA VAL A 74 -12.72 23.55 2.09
C VAL A 74 -12.28 24.76 2.90
N GLY A 75 -12.67 24.83 4.17
CA GLY A 75 -12.24 25.91 5.03
C GLY A 75 -10.79 25.84 5.46
N SER A 76 -10.19 24.66 5.42
CA SER A 76 -8.76 24.51 5.67
C SER A 76 -7.95 24.76 4.39
N LYS A 77 -8.63 25.01 3.27
CA LYS A 77 -7.99 25.41 2.04
C LYS A 77 -8.18 26.90 1.75
N LEU A 78 -9.33 27.47 2.10
CA LEU A 78 -9.55 28.89 1.91
C LEU A 78 -8.57 29.73 2.74
N TYR A 79 -8.35 29.36 3.99
CA TYR A 79 -7.48 30.15 4.86
C TYR A 79 -6.01 29.96 4.49
N PHE A 80 -5.63 28.74 4.13
CA PHE A 80 -4.27 28.41 3.70
C PHE A 80 -4.28 28.18 2.19
N HIS A 81 -3.82 29.18 1.44
CA HIS A 81 -3.86 29.11 -0.01
C HIS A 81 -3.00 27.96 -0.51
N THR A 82 -3.63 26.91 -0.98
CA THR A 82 -3.22 25.60 -1.45
C THR A 82 -3.80 25.34 -2.84
N PRO A 83 -3.11 24.57 -3.69
CA PRO A 83 -3.74 24.16 -4.95
C PRO A 83 -4.97 23.30 -4.69
N TRP A 84 -5.94 23.41 -5.60
CA TRP A 84 -7.21 22.69 -5.45
C TRP A 84 -7.05 21.18 -5.56
N ASN A 85 -5.89 20.69 -6.00
CA ASN A 85 -5.69 19.26 -6.18
C ASN A 85 -5.63 18.50 -4.87
N VAL A 86 -5.52 19.20 -3.73
CA VAL A 86 -5.44 18.50 -2.45
C VAL A 86 -6.81 18.01 -1.98
N ILE A 87 -7.90 18.52 -2.56
CA ILE A 87 -9.24 18.13 -2.14
C ILE A 87 -9.94 17.27 -3.18
N ASP A 88 -9.21 16.80 -4.20
CA ASP A 88 -9.81 15.92 -5.18
C ASP A 88 -10.14 14.55 -4.57
N ASN A 89 -9.21 14.01 -3.77
CA ASN A 89 -9.49 12.76 -3.08
C ASN A 89 -10.61 12.91 -2.06
N PRO A 90 -10.64 13.94 -1.21
CA PRO A 90 -11.83 14.13 -0.36
C PRO A 90 -13.11 14.33 -1.15
N SER A 91 -13.03 14.88 -2.35
CA SER A 91 -14.24 15.10 -3.15
C SER A 91 -14.92 13.81 -3.57
N ARG A 92 -14.24 12.66 -3.44
CA ARG A 92 -14.81 11.38 -3.84
C ARG A 92 -15.60 10.70 -2.73
N THR A 93 -15.64 11.27 -1.52
CA THR A 93 -16.46 10.68 -0.47
C THR A 93 -17.93 11.09 -0.60
N LEU A 94 -18.24 12.04 -1.48
CA LEU A 94 -19.62 12.42 -1.74
C LEU A 94 -20.40 11.31 -2.45
N LEU A 95 -19.70 10.33 -3.03
CA LEU A 95 -20.39 9.25 -3.73
C LEU A 95 -21.08 8.29 -2.76
N ALA A 96 -20.69 8.29 -1.49
CA ALA A 96 -21.42 7.49 -0.50
C ALA A 96 -22.86 7.97 -0.36
N ILE A 97 -23.05 9.29 -0.37
CA ILE A 97 -24.40 9.86 -0.32
C ILE A 97 -25.22 9.35 -1.50
N LEU A 98 -24.67 9.46 -2.71
CA LEU A 98 -25.40 9.04 -3.90
C LEU A 98 -25.69 7.55 -3.88
N THR A 99 -24.71 6.73 -3.47
CA THR A 99 -24.90 5.29 -3.45
C THR A 99 -26.00 4.90 -2.47
N CYS A 100 -25.93 5.42 -1.24
CA CYS A 100 -26.96 5.11 -0.25
C CYS A 100 -28.32 5.58 -0.71
N TRP A 101 -28.39 6.78 -1.30
CA TRP A 101 -29.67 7.35 -1.71
C TRP A 101 -30.29 6.54 -2.85
N VAL A 102 -29.48 6.12 -3.82
CA VAL A 102 -29.96 5.26 -4.89
C VAL A 102 -30.43 3.91 -4.34
N ILE A 103 -29.65 3.32 -3.42
CA ILE A 103 -30.00 2.02 -2.89
C ILE A 103 -31.31 2.07 -2.11
N VAL A 104 -31.49 3.11 -1.28
CA VAL A 104 -32.73 3.20 -0.51
C VAL A 104 -33.90 3.51 -1.43
N ARG A 105 -33.68 4.22 -2.54
CA ARG A 105 -34.79 4.48 -3.45
C ARG A 105 -35.24 3.19 -4.15
N ALA A 106 -34.29 2.43 -4.70
CA ALA A 106 -34.58 1.20 -5.42
C ALA A 106 -34.11 0.02 -4.60
N ALA A 107 -35.04 -0.69 -3.99
CA ALA A 107 -34.69 -1.76 -3.04
C ALA A 107 -34.02 -2.92 -3.75
N PRO A 108 -32.78 -3.26 -3.39
CA PRO A 108 -32.11 -4.41 -4.02
C PRO A 108 -32.43 -5.72 -3.31
N ASN A 109 -31.82 -6.80 -3.77
CA ASN A 109 -31.93 -8.10 -3.10
C ASN A 109 -30.58 -8.45 -2.49
N PRO A 110 -30.43 -8.39 -1.17
CA PRO A 110 -29.11 -8.65 -0.56
C PRO A 110 -28.58 -10.05 -0.78
N ALA A 111 -29.44 -11.01 -1.14
CA ALA A 111 -28.98 -12.38 -1.36
C ALA A 111 -28.05 -12.50 -2.56
N TRP A 112 -28.07 -11.54 -3.47
CA TRP A 112 -27.19 -11.55 -4.64
C TRP A 112 -25.88 -10.82 -4.38
N LEU A 113 -25.72 -10.17 -3.23
CA LEU A 113 -24.45 -9.53 -2.92
C LEU A 113 -23.38 -10.56 -2.54
N TRP A 114 -23.77 -11.60 -1.80
CA TRP A 114 -22.79 -12.57 -1.31
C TRP A 114 -22.21 -13.40 -2.44
N ARG A 115 -23.07 -13.84 -3.37
CA ARG A 115 -22.58 -14.57 -4.53
C ARG A 115 -21.66 -13.70 -5.37
N GLY A 116 -21.99 -12.42 -5.52
CA GLY A 116 -21.10 -11.50 -6.21
C GLY A 116 -19.77 -11.38 -5.51
N ILE A 117 -19.79 -11.33 -4.17
CA ILE A 117 -18.55 -11.21 -3.41
C ILE A 117 -17.67 -12.43 -3.65
N THR A 118 -18.25 -13.63 -3.58
CA THR A 118 -17.43 -14.83 -3.73
C THR A 118 -16.94 -14.99 -5.17
N VAL A 119 -17.76 -14.63 -6.16
CA VAL A 119 -17.32 -14.69 -7.55
C VAL A 119 -16.18 -13.71 -7.79
N GLY A 120 -16.31 -12.49 -7.26
CA GLY A 120 -15.25 -11.51 -7.40
C GLY A 120 -13.96 -11.96 -6.74
N LEU A 121 -14.06 -12.54 -5.55
CA LEU A 121 -12.86 -13.03 -4.86
C LEU A 121 -12.19 -14.14 -5.66
N PHE A 122 -12.97 -15.10 -6.18
CA PHE A 122 -12.39 -16.18 -6.96
C PHE A 122 -11.73 -15.66 -8.23
N LEU A 123 -12.40 -14.76 -8.94
CA LEU A 123 -11.84 -14.26 -10.20
C LEU A 123 -10.60 -13.41 -9.93
N ALA A 124 -10.61 -12.62 -8.85
CA ALA A 124 -9.42 -11.86 -8.49
C ALA A 124 -8.27 -12.77 -8.10
N LEU A 125 -8.56 -13.89 -7.43
CA LEU A 125 -7.52 -14.87 -7.13
C LEU A 125 -6.91 -15.42 -8.41
N LEU A 126 -7.77 -15.74 -9.39
CA LEU A 126 -7.26 -16.24 -10.67
C LEU A 126 -6.39 -15.19 -11.36
N ILE A 127 -6.85 -13.94 -11.36
CA ILE A 127 -6.09 -12.86 -12.02
C ILE A 127 -4.73 -12.68 -11.36
N VAL A 128 -4.70 -12.67 -10.02
CA VAL A 128 -3.44 -12.46 -9.33
C VAL A 128 -2.51 -13.66 -9.52
N GLY A 129 -3.06 -14.87 -9.54
CA GLY A 129 -2.25 -16.04 -9.82
C GLY A 129 -1.61 -15.97 -11.20
N TYR A 130 -2.39 -15.55 -12.20
CA TYR A 130 -1.81 -15.38 -13.54
C TYR A 130 -0.75 -14.28 -13.54
N GLN A 131 -1.01 -13.17 -12.84
CA GLN A 131 -0.10 -12.04 -12.84
C GLN A 131 1.13 -12.26 -11.98
N LYS A 132 1.18 -13.34 -11.19
CA LYS A 132 2.36 -13.66 -10.42
C LYS A 132 3.13 -14.85 -10.97
N PHE A 133 2.46 -15.96 -11.25
CA PHE A 133 3.15 -17.19 -11.61
C PHE A 133 3.53 -17.27 -13.09
N ALA A 134 2.92 -16.45 -13.95
CA ALA A 134 3.25 -16.46 -15.37
C ALA A 134 3.89 -15.17 -15.82
N LEU A 135 3.22 -14.03 -15.62
CA LEU A 135 3.80 -12.72 -15.93
C LEU A 135 4.44 -12.20 -14.66
N ASN A 136 5.65 -12.67 -14.38
CA ASN A 136 6.31 -12.45 -13.10
C ASN A 136 6.26 -10.99 -12.69
N ILE A 137 5.58 -10.72 -11.58
CA ILE A 137 5.41 -9.38 -11.04
C ILE A 137 5.70 -9.42 -9.55
N ASP A 138 6.44 -8.42 -9.05
CA ASP A 138 6.84 -8.40 -7.65
C ASP A 138 5.62 -8.37 -6.73
N ARG A 139 4.71 -7.43 -6.97
CA ARG A 139 3.49 -7.29 -6.18
C ARG A 139 2.31 -7.34 -7.14
N PRO A 140 1.72 -8.52 -7.36
CA PRO A 140 0.66 -8.68 -8.38
C PRO A 140 -0.70 -8.13 -7.97
N SER A 141 -0.87 -6.82 -8.12
CA SER A 141 -2.17 -6.19 -8.01
C SER A 141 -2.81 -6.14 -9.39
N ALA A 142 -4.13 -6.35 -9.43
CA ALA A 142 -4.82 -6.57 -10.69
C ALA A 142 -4.64 -5.41 -11.67
N TRP A 143 -5.24 -4.25 -11.37
CA TRP A 143 -5.05 -3.08 -12.23
C TRP A 143 -4.90 -1.79 -11.43
N ILE A 144 -4.68 -1.87 -10.13
CA ILE A 144 -4.62 -0.71 -9.26
C ILE A 144 -3.39 -0.85 -8.35
N GLN A 145 -3.25 0.09 -7.42
CA GLN A 145 -2.12 0.09 -6.51
C GLN A 145 -2.20 -1.09 -5.56
N ALA A 146 -1.03 -1.53 -5.09
CA ALA A 146 -0.97 -2.70 -4.21
C ALA A 146 -1.70 -2.45 -2.89
N ILE A 147 -1.53 -1.25 -2.32
CA ILE A 147 -2.15 -0.95 -1.03
C ILE A 147 -3.66 -0.90 -1.17
N ALA A 148 -4.16 -0.21 -2.18
CA ALA A 148 -5.60 -0.13 -2.40
C ALA A 148 -6.18 -1.51 -2.70
N PHE A 149 -5.47 -2.31 -3.50
CA PHE A 149 -5.95 -3.66 -3.80
C PHE A 149 -6.01 -4.51 -2.54
N ALA A 150 -4.99 -4.41 -1.69
CA ALA A 150 -5.00 -5.18 -0.45
C ALA A 150 -6.15 -4.76 0.45
N ASN A 151 -6.40 -3.46 0.56
CA ASN A 151 -7.51 -2.99 1.38
C ASN A 151 -8.85 -3.48 0.82
N MET A 152 -9.01 -3.45 -0.51
CA MET A 152 -10.23 -3.96 -1.11
C MET A 152 -10.41 -5.45 -0.84
N ILE A 153 -9.33 -6.22 -0.96
CA ILE A 153 -9.42 -7.66 -0.68
C ILE A 153 -9.83 -7.91 0.76
N ALA A 154 -9.22 -7.18 1.70
CA ALA A 154 -9.57 -7.38 3.11
C ALA A 154 -11.04 -7.03 3.36
N ALA A 155 -11.49 -5.89 2.83
CA ALA A 155 -12.86 -5.46 3.06
C ALA A 155 -13.86 -6.44 2.47
N LEU A 156 -13.60 -6.91 1.24
CA LEU A 156 -14.56 -7.81 0.60
C LEU A 156 -14.53 -9.20 1.23
N ALA A 157 -13.37 -9.65 1.69
CA ALA A 157 -13.31 -10.91 2.42
C ALA A 157 -14.11 -10.83 3.71
N LEU A 158 -14.00 -9.71 4.42
CA LEU A 158 -14.82 -9.53 5.62
C LEU A 158 -16.31 -9.49 5.28
N VAL A 159 -16.67 -8.81 4.19
CA VAL A 159 -18.07 -8.75 3.78
C VAL A 159 -18.59 -10.15 3.47
N GLY A 160 -17.82 -10.95 2.75
CA GLY A 160 -18.22 -12.30 2.42
C GLY A 160 -18.24 -13.23 3.60
N PHE A 161 -17.45 -12.92 4.63
CA PHE A 161 -17.45 -13.74 5.83
C PHE A 161 -18.77 -13.66 6.58
N ALA A 162 -19.55 -12.60 6.37
CA ALA A 162 -20.85 -12.44 7.03
C ALA A 162 -21.98 -13.03 6.21
N ARG A 163 -21.89 -14.30 5.85
CA ARG A 163 -22.95 -14.95 5.08
C ARG A 163 -24.19 -15.13 5.94
N PRO A 164 -25.34 -14.60 5.52
CA PRO A 164 -26.58 -14.88 6.26
C PRO A 164 -27.02 -16.33 6.02
N GLY A 165 -27.01 -17.12 7.07
CA GLY A 165 -27.43 -18.50 6.99
C GLY A 165 -26.82 -19.33 8.09
N ASP A 166 -27.38 -20.53 8.27
CA ASP A 166 -26.93 -21.46 9.30
C ASP A 166 -26.63 -22.84 8.75
N SER A 167 -26.97 -23.11 7.49
CA SER A 167 -26.78 -24.44 6.93
C SER A 167 -25.29 -24.78 6.83
N ARG A 168 -25.00 -26.08 6.85
CA ARG A 168 -23.62 -26.55 6.80
C ARG A 168 -22.91 -26.07 5.54
N GLY A 169 -23.65 -25.94 4.43
CA GLY A 169 -23.05 -25.46 3.20
C GLY A 169 -22.79 -23.97 3.17
N THR A 170 -23.25 -23.23 4.18
CA THR A 170 -23.03 -21.79 4.25
C THR A 170 -21.77 -21.43 5.04
N HIS A 171 -21.48 -22.15 6.12
CA HIS A 171 -20.25 -21.89 6.87
C HIS A 171 -19.01 -22.21 6.02
N MET A 172 -19.09 -23.26 5.21
CA MET A 172 -18.01 -23.65 4.32
C MET A 172 -17.98 -22.81 3.05
N GLU A 173 -18.96 -21.93 2.85
CA GLU A 173 -18.92 -20.94 1.78
C GLU A 173 -18.51 -19.58 2.32
N ALA A 174 -18.41 -19.43 3.64
CA ALA A 174 -17.92 -18.22 4.27
C ALA A 174 -16.48 -18.33 4.75
N TRP A 175 -16.05 -19.50 5.22
CA TRP A 175 -14.64 -19.70 5.52
C TRP A 175 -13.80 -19.69 4.25
N VAL A 176 -14.38 -20.15 3.13
CA VAL A 176 -13.69 -20.08 1.85
C VAL A 176 -13.41 -18.63 1.47
N ASN A 177 -14.29 -17.70 1.87
CA ASN A 177 -14.04 -16.30 1.59
C ASN A 177 -12.76 -15.82 2.28
N LEU A 178 -12.60 -16.16 3.57
CA LEU A 178 -11.39 -15.80 4.28
C LEU A 178 -10.16 -16.49 3.68
N LEU A 179 -10.33 -17.76 3.27
CA LEU A 179 -9.21 -18.48 2.67
C LEU A 179 -8.75 -17.81 1.37
N LEU A 180 -9.69 -17.46 0.51
CA LEU A 180 -9.34 -16.77 -0.74
C LEU A 180 -8.72 -15.41 -0.44
N GLY A 181 -9.28 -14.68 0.54
CA GLY A 181 -8.73 -13.39 0.88
C GLY A 181 -7.29 -13.48 1.36
N THR A 182 -7.00 -14.46 2.22
CA THR A 182 -5.64 -14.57 2.75
C THR A 182 -4.67 -15.04 1.67
N MET A 183 -5.12 -15.92 0.77
CA MET A 183 -4.25 -16.30 -0.35
C MET A 183 -3.94 -15.11 -1.24
N ILE A 184 -4.97 -14.34 -1.60
CA ILE A 184 -4.75 -13.17 -2.46
C ILE A 184 -3.83 -12.17 -1.77
N LEU A 185 -4.02 -11.96 -0.48
CA LEU A 185 -3.19 -11.00 0.24
C LEU A 185 -1.74 -11.48 0.33
N MET A 186 -1.53 -12.77 0.61
CA MET A 186 -0.15 -13.28 0.67
C MET A 186 0.52 -13.30 -0.70
N LEU A 187 -0.26 -13.34 -1.78
CA LEU A 187 0.34 -13.34 -3.11
C LEU A 187 1.04 -12.02 -3.41
N ASN A 188 0.51 -10.90 -2.91
CA ASN A 188 1.11 -9.58 -3.14
C ASN A 188 1.69 -8.97 -1.86
N GLY A 189 2.30 -9.80 -1.02
CA GLY A 189 2.97 -9.28 0.16
C GLY A 189 2.00 -8.64 1.14
N THR A 190 2.27 -7.38 1.47
CA THR A 190 1.43 -6.53 2.35
C THR A 190 0.82 -7.33 3.49
N ARG A 191 1.71 -7.93 4.30
CA ARG A 191 1.30 -8.74 5.45
C ARG A 191 0.46 -7.95 6.45
N GLY A 192 0.59 -6.62 6.47
CA GLY A 192 -0.23 -5.82 7.38
C GLY A 192 -1.71 -6.01 7.14
N ALA A 193 -2.11 -6.12 5.87
CA ALA A 193 -3.51 -6.37 5.57
C ALA A 193 -3.95 -7.73 6.10
N VAL A 194 -3.09 -8.74 5.98
CA VAL A 194 -3.41 -10.07 6.51
C VAL A 194 -3.62 -10.00 8.01
N VAL A 195 -2.72 -9.31 8.71
CA VAL A 195 -2.83 -9.21 10.16
C VAL A 195 -4.10 -8.46 10.55
N ALA A 196 -4.39 -7.36 9.85
CA ALA A 196 -5.59 -6.59 10.17
C ALA A 196 -6.85 -7.42 9.95
N MET A 197 -6.93 -8.14 8.82
CA MET A 197 -8.10 -8.95 8.54
C MET A 197 -8.27 -10.07 9.55
N LEU A 198 -7.18 -10.76 9.90
CA LEU A 198 -7.29 -11.85 10.85
C LEU A 198 -7.64 -11.35 12.24
N VAL A 199 -7.16 -10.17 12.61
CA VAL A 199 -7.50 -9.61 13.92
C VAL A 199 -8.96 -9.20 13.96
N THR A 200 -9.44 -8.54 12.91
CA THR A 200 -10.82 -8.04 12.92
C THR A 200 -11.85 -9.11 12.59
N SER A 201 -11.43 -10.28 12.10
CA SER A 201 -12.39 -11.35 11.87
C SER A 201 -12.81 -12.04 13.16
N VAL A 202 -12.03 -11.90 14.23
CA VAL A 202 -12.41 -12.52 15.51
C VAL A 202 -13.70 -11.92 16.07
N PRO A 203 -13.88 -10.59 16.10
CA PRO A 203 -15.21 -10.07 16.49
C PRO A 203 -16.32 -10.45 15.52
N MET A 204 -15.99 -10.73 14.25
CA MET A 204 -16.99 -11.17 13.28
C MET A 204 -17.49 -12.57 13.54
N LEU A 205 -16.87 -13.30 14.48
CA LEU A 205 -17.21 -14.70 14.71
C LEU A 205 -18.49 -14.79 15.55
N MET A 206 -19.00 -13.63 15.98
CA MET A 206 -20.29 -13.59 16.66
C MET A 206 -21.39 -13.42 15.62
N ILE A 207 -21.11 -12.65 14.57
CA ILE A 207 -22.05 -12.55 13.45
C ILE A 207 -22.07 -13.86 12.67
N ARG A 208 -20.91 -14.49 12.52
CA ARG A 208 -20.82 -15.71 11.71
C ARG A 208 -21.62 -16.85 12.32
N TYR A 209 -21.53 -17.02 13.63
CA TYR A 209 -22.27 -18.07 14.34
C TYR A 209 -23.29 -17.42 15.26
N ARG A 210 -24.57 -17.74 15.06
CA ARG A 210 -25.63 -17.21 15.93
C ARG A 210 -25.80 -18.19 17.09
N ARG A 211 -24.66 -18.61 17.64
CA ARG A 211 -24.60 -19.40 18.86
C ARG A 211 -23.43 -18.92 19.71
N PHE A 212 -22.58 -18.09 19.11
CA PHE A 212 -21.30 -17.72 19.68
C PHE A 212 -21.48 -16.45 20.51
N SER A 213 -21.52 -16.62 21.83
CA SER A 213 -21.77 -15.50 22.74
C SER A 213 -20.52 -14.70 23.00
N VAL A 214 -20.56 -13.80 23.99
CA VAL A 214 -19.45 -12.93 24.31
C VAL A 214 -18.43 -13.62 25.22
N ARG A 215 -18.89 -14.51 26.10
CA ARG A 215 -17.95 -15.27 26.93
C ARG A 215 -17.08 -16.18 26.07
N MET A 216 -17.69 -16.81 25.07
CA MET A 216 -16.95 -17.62 24.11
C MET A 216 -16.00 -16.81 23.26
N LEU A 217 -16.21 -15.49 23.17
CA LEU A 217 -15.29 -14.60 22.49
C LEU A 217 -14.15 -14.17 23.40
N ILE A 218 -14.43 -13.92 24.68
CA ILE A 218 -13.40 -13.57 25.65
C ILE A 218 -12.44 -14.74 25.79
N VAL A 219 -12.98 -15.95 25.92
CA VAL A 219 -12.10 -17.12 26.03
C VAL A 219 -11.35 -17.35 24.74
N ALA A 220 -11.96 -17.04 23.59
CA ALA A 220 -11.27 -17.21 22.31
C ALA A 220 -10.07 -16.26 22.19
N VAL A 221 -10.27 -14.99 22.55
CA VAL A 221 -9.16 -14.05 22.48
C VAL A 221 -8.11 -14.37 23.54
N CYS A 222 -8.53 -14.91 24.68
CA CYS A 222 -7.56 -15.38 25.67
C CYS A 222 -6.70 -16.52 25.12
N ALA A 223 -7.34 -17.46 24.41
CA ALA A 223 -6.59 -18.54 23.79
C ALA A 223 -5.64 -18.03 22.71
N VAL A 224 -6.08 -17.06 21.92
CA VAL A 224 -5.21 -16.46 20.91
C VAL A 224 -4.02 -15.78 21.57
N ALA A 225 -4.25 -15.06 22.65
CA ALA A 225 -3.15 -14.42 23.37
C ALA A 225 -2.19 -15.46 23.94
N THR A 226 -2.72 -16.56 24.48
CA THR A 226 -1.85 -17.62 25.00
C THR A 226 -1.01 -18.22 23.88
N LEU A 227 -1.61 -18.46 22.72
CA LEU A 227 -0.85 -18.99 21.59
C LEU A 227 0.23 -18.01 21.15
N ALA A 228 -0.08 -16.71 21.13
CA ALA A 228 0.90 -15.71 20.76
C ALA A 228 2.06 -15.65 21.75
N ILE A 229 1.76 -15.72 23.05
CA ILE A 229 2.81 -15.78 24.07
C ILE A 229 3.65 -17.03 23.98
N GLY A 230 3.05 -18.17 23.64
CA GLY A 230 3.83 -19.39 23.51
C GLY A 230 4.90 -19.30 22.43
N ALA A 231 4.59 -18.58 21.35
CA ALA A 231 5.58 -18.41 20.28
C ALA A 231 6.80 -17.65 20.76
N TYR A 232 6.60 -16.58 21.55
CA TYR A 232 7.70 -15.79 22.06
C TYR A 232 8.58 -16.55 23.04
N MET A 233 8.10 -17.65 23.63
CA MET A 233 8.92 -18.47 24.51
C MET A 233 9.67 -19.56 23.76
N VAL A 234 9.41 -19.73 22.47
CA VAL A 234 10.20 -20.65 21.64
C VAL A 234 11.34 -19.84 21.03
N PRO A 235 12.60 -20.12 21.37
CA PRO A 235 13.69 -19.24 20.93
C PRO A 235 13.84 -19.12 19.42
N ASP A 236 13.59 -20.19 18.68
CA ASP A 236 13.85 -20.16 17.24
C ASP A 236 12.61 -19.78 16.45
N SER A 237 11.50 -19.50 17.14
CA SER A 237 10.24 -19.18 16.49
C SER A 237 10.36 -17.92 15.64
N PRO A 238 9.82 -17.91 14.42
CA PRO A 238 9.88 -16.69 13.60
C PRO A 238 9.12 -15.51 14.20
N VAL A 239 8.10 -15.77 15.02
CA VAL A 239 7.41 -14.68 15.68
C VAL A 239 8.35 -13.93 16.61
N SER A 240 9.18 -14.66 17.35
CA SER A 240 10.19 -14.04 18.20
C SER A 240 11.25 -13.36 17.34
N LYS A 241 11.40 -13.80 16.09
CA LYS A 241 12.34 -13.22 15.16
C LYS A 241 11.85 -11.88 14.60
N ARG A 242 10.55 -11.70 14.43
CA ARG A 242 10.01 -10.43 13.96
C ARG A 242 9.50 -9.54 15.09
N VAL A 243 9.49 -10.03 16.33
CA VAL A 243 9.08 -9.21 17.47
C VAL A 243 10.32 -8.61 18.14
N ASP A 244 11.37 -9.42 18.28
CA ASP A 244 12.62 -8.94 18.85
C ASP A 244 13.21 -7.84 17.97
N ASP A 245 12.99 -7.95 16.65
CA ASP A 245 13.41 -6.89 15.75
C ASP A 245 12.76 -5.56 16.12
N ALA A 246 11.44 -5.56 16.31
CA ALA A 246 10.74 -4.34 16.67
C ALA A 246 11.15 -3.85 18.06
N VAL A 247 11.40 -4.77 18.99
CA VAL A 247 11.83 -4.38 20.33
C VAL A 247 13.17 -3.66 20.27
N SER A 248 14.12 -4.25 19.54
CA SER A 248 15.42 -3.61 19.37
C SER A 248 15.30 -2.29 18.63
N GLU A 249 14.33 -2.21 17.70
CA GLU A 249 14.11 -0.96 16.98
C GLU A 249 13.64 0.15 17.92
N ILE A 250 12.71 -0.19 18.81
CA ILE A 250 12.23 0.78 19.80
C ILE A 250 13.38 1.21 20.71
N GLN A 251 14.18 0.24 21.17
CA GLN A 251 15.30 0.58 22.03
C GLN A 251 16.31 1.49 21.33
N MET A 252 16.61 1.22 20.06
CA MET A 252 17.49 2.11 19.30
C MET A 252 16.87 3.49 19.13
N TYR A 253 15.56 3.56 18.89
CA TYR A 253 14.88 4.84 18.80
C TYR A 253 14.96 5.64 20.10
N ARG A 254 14.99 4.97 21.25
CA ARG A 254 15.08 5.67 22.52
C ARG A 254 16.45 6.29 22.78
N GLN A 255 17.35 6.22 21.80
CA GLN A 255 18.52 7.08 21.74
C GLN A 255 18.75 7.55 20.31
N GLY A 256 19.93 8.13 20.05
CA GLY A 256 20.09 8.97 18.87
C GLY A 256 19.92 8.25 17.54
N ASN A 257 20.01 6.92 17.55
CA ASN A 257 20.05 6.16 16.29
C ASN A 257 18.64 6.03 15.71
N ILE A 258 18.09 7.18 15.29
CA ILE A 258 16.82 7.17 14.58
C ILE A 258 17.10 7.18 13.07
N GLU A 259 17.38 6.01 12.49
CA GLU A 259 17.51 5.90 11.04
C GLU A 259 16.94 4.56 10.57
N THR A 260 15.79 4.17 11.10
CA THR A 260 15.26 2.85 10.80
C THR A 260 13.76 2.95 10.53
N SER A 261 13.20 1.87 9.98
CA SER A 261 11.80 1.82 9.56
C SER A 261 10.85 2.21 10.67
N VAL A 262 11.02 1.59 11.84
CA VAL A 262 10.20 1.91 13.01
C VAL A 262 10.56 3.31 13.49
N GLY A 263 11.85 3.60 13.55
CA GLY A 263 12.34 4.87 14.04
C GLY A 263 11.97 6.06 13.19
N VAL A 264 11.98 5.89 11.86
CA VAL A 264 11.65 6.97 10.95
C VAL A 264 10.18 7.35 11.12
N ARG A 265 9.31 6.36 11.22
CA ARG A 265 7.89 6.61 11.36
C ARG A 265 7.48 6.99 12.78
N LEU A 266 8.31 6.69 13.77
CA LEU A 266 8.09 7.22 15.11
C LEU A 266 8.68 8.61 15.31
N LYS A 267 9.42 9.12 14.33
CA LYS A 267 9.96 10.47 14.39
C LYS A 267 9.12 11.48 13.63
N ILE A 268 8.50 11.08 12.50
CA ILE A 268 7.53 11.97 11.87
C ILE A 268 6.29 12.12 12.74
N TRP A 269 5.89 11.05 13.44
CA TRP A 269 4.75 11.13 14.34
C TRP A 269 4.99 12.13 15.46
N HIS A 270 6.19 12.11 16.05
CA HIS A 270 6.50 13.04 17.13
C HIS A 270 6.52 14.48 16.62
N ILE A 271 7.08 14.70 15.43
CA ILE A 271 7.10 16.05 14.86
C ILE A 271 5.70 16.53 14.54
N GLY A 272 4.83 15.65 14.08
CA GLY A 272 3.44 16.01 13.82
C GLY A 272 2.68 16.34 15.08
N LEU A 273 2.85 15.52 16.12
CA LEU A 273 2.16 15.74 17.38
C LEU A 273 2.65 16.98 18.11
N GLN A 274 3.95 17.27 18.09
CA GLN A 274 4.50 18.48 18.68
C GLN A 274 3.99 19.74 17.98
N TYR A 275 3.80 19.70 16.66
CA TYR A 275 3.21 20.83 15.96
C TYR A 275 1.72 20.95 16.24
N PHE A 276 1.01 19.81 16.31
CA PHE A 276 -0.41 19.84 16.63
C PHE A 276 -0.65 20.43 18.00
N SER A 277 0.22 20.12 18.96
CA SER A 277 0.11 20.73 20.29
C SER A 277 0.33 22.24 20.21
N GLU A 278 1.23 22.68 19.33
CA GLU A 278 1.49 24.11 19.18
C GLU A 278 0.31 24.84 18.57
N HIS A 279 -0.29 24.27 17.52
CA HIS A 279 -1.44 24.85 16.83
C HIS A 279 -2.59 23.86 16.93
N PRO A 280 -3.41 23.94 17.99
CA PRO A 280 -4.48 22.95 18.15
C PRO A 280 -5.59 23.08 17.12
N TRP A 281 -6.09 24.30 16.94
CA TRP A 281 -7.29 24.51 16.13
C TRP A 281 -7.00 24.40 14.63
N THR A 282 -6.01 25.15 14.15
CA THR A 282 -5.64 25.15 12.75
C THR A 282 -4.18 24.79 12.61
N GLY A 283 -3.90 23.70 11.89
CA GLY A 283 -2.53 23.31 11.61
C GLY A 283 -1.97 24.02 10.39
N VAL A 284 -1.13 23.33 9.63
CA VAL A 284 -0.66 23.91 8.37
C VAL A 284 -1.79 23.99 7.35
N GLY A 285 -2.73 23.06 7.40
CA GLY A 285 -3.83 23.02 6.47
C GLY A 285 -4.01 21.63 5.89
N VAL A 286 -4.99 21.52 4.98
CA VAL A 286 -5.22 20.25 4.31
C VAL A 286 -4.00 19.90 3.47
N GLY A 287 -3.53 18.66 3.62
CA GLY A 287 -2.27 18.33 3.00
C GLY A 287 -1.15 19.14 3.62
N GLN A 288 -0.15 19.45 2.79
CA GLN A 288 0.97 20.33 3.17
C GLN A 288 1.68 19.83 4.43
N PHE A 289 1.79 18.52 4.60
CA PHE A 289 2.51 17.99 5.74
C PHE A 289 4.01 18.22 5.63
N ALA A 290 4.52 18.40 4.41
CA ALA A 290 5.94 18.64 4.23
C ALA A 290 6.40 19.96 4.85
N ARG A 291 5.49 20.92 5.03
CA ARG A 291 5.85 22.17 5.67
C ARG A 291 6.24 21.97 7.13
N ILE A 292 5.55 21.07 7.83
CA ILE A 292 5.91 20.78 9.22
C ILE A 292 7.33 20.24 9.29
N LEU A 293 7.68 19.32 8.40
CA LEU A 293 9.03 18.76 8.41
C LEU A 293 10.07 19.80 8.02
N HIS A 294 9.79 20.60 6.99
CA HIS A 294 10.76 21.57 6.51
C HIS A 294 10.95 22.73 7.48
N ALA A 295 9.95 23.03 8.32
CA ALA A 295 10.09 24.05 9.35
C ALA A 295 10.50 23.48 10.69
N SER A 296 10.75 22.17 10.78
CA SER A 296 11.10 21.55 12.05
C SER A 296 12.58 21.75 12.36
N GLU A 297 12.91 21.59 13.64
CA GLU A 297 14.29 21.72 14.10
C GLU A 297 15.13 20.50 13.73
N PHE A 298 14.55 19.29 13.79
CA PHE A 298 15.30 18.08 13.47
C PHE A 298 15.79 18.08 12.03
N CYS A 299 14.93 18.51 11.10
CA CYS A 299 15.33 18.52 9.70
C CYS A 299 16.38 19.58 9.41
N HIS A 300 16.40 20.66 10.20
CA HIS A 300 17.38 21.72 9.98
C HIS A 300 18.78 21.33 10.44
N GLU A 301 18.92 20.25 11.20
CA GLU A 301 20.22 19.83 11.71
C GLU A 301 20.56 18.39 11.32
N THR A 302 19.64 17.68 10.68
CA THR A 302 19.87 16.28 10.32
C THR A 302 19.32 16.02 8.92
N LYS A 303 20.05 15.21 8.15
CA LYS A 303 19.64 14.81 6.80
C LYS A 303 19.22 13.35 6.89
N SER A 304 17.92 13.09 6.79
CA SER A 304 17.38 11.76 6.90
C SER A 304 16.13 11.65 6.04
N LEU A 305 15.64 10.41 5.89
CA LEU A 305 14.46 10.17 5.08
C LEU A 305 13.20 10.76 5.70
N ALA A 306 13.20 11.04 6.99
CA ALA A 306 12.01 11.57 7.65
C ALA A 306 11.63 12.96 7.15
N CYS A 307 12.54 13.66 6.48
CA CYS A 307 12.29 15.00 6.00
C CYS A 307 11.80 15.05 4.55
N VAL A 308 11.65 13.89 3.91
CA VAL A 308 11.24 13.86 2.51
C VAL A 308 9.80 13.37 2.34
N LEU A 309 9.27 12.63 3.30
CA LEU A 309 7.91 12.10 3.18
C LEU A 309 6.90 13.22 2.98
N GLU A 310 6.04 13.05 1.98
CA GLU A 310 5.06 14.09 1.66
C GLU A 310 4.03 14.25 2.76
N HIS A 311 3.58 13.13 3.34
CA HIS A 311 2.57 13.16 4.38
C HIS A 311 2.91 12.10 5.43
N ALA A 312 2.31 12.26 6.61
CA ALA A 312 2.46 11.27 7.65
C ALA A 312 1.80 9.96 7.22
N HIS A 313 2.18 8.87 7.88
CA HIS A 313 1.69 7.54 7.55
C HIS A 313 0.80 6.99 8.67
N ASN A 314 -0.02 7.87 9.24
CA ASN A 314 -1.04 7.47 10.21
C ASN A 314 -2.19 8.45 10.09
N ASP A 315 -3.41 7.93 9.89
CA ASP A 315 -4.54 8.79 9.57
C ASP A 315 -4.84 9.77 10.69
N ILE A 316 -4.85 9.30 11.94
CA ILE A 316 -5.16 10.18 13.07
C ILE A 316 -4.09 11.26 13.21
N VAL A 317 -2.82 10.84 13.20
CA VAL A 317 -1.72 11.79 13.36
C VAL A 317 -1.68 12.78 12.20
N GLU A 318 -1.85 12.27 10.97
CA GLU A 318 -1.83 13.15 9.81
C GLU A 318 -2.96 14.17 9.87
N ALA A 319 -4.17 13.73 10.21
CA ALA A 319 -5.30 14.64 10.28
C ALA A 319 -5.08 15.69 11.36
N ALA A 320 -4.64 15.25 12.55
CA ALA A 320 -4.44 16.19 13.65
C ALA A 320 -3.36 17.21 13.33
N SER A 321 -2.26 16.77 12.72
CA SER A 321 -1.17 17.69 12.43
C SER A 321 -1.53 18.65 11.29
N THR A 322 -2.24 18.15 10.28
CA THR A 322 -2.49 18.95 9.09
C THR A 322 -3.69 19.88 9.26
N THR A 323 -4.85 19.32 9.57
CA THR A 323 -6.10 20.07 9.52
C THR A 323 -6.72 20.32 10.89
N GLY A 324 -5.96 20.15 11.97
CA GLY A 324 -6.37 20.64 13.27
C GLY A 324 -7.45 19.84 13.94
N ILE A 325 -7.95 20.41 15.04
CA ILE A 325 -8.99 19.74 15.85
C ILE A 325 -10.28 19.53 15.07
N PRO A 326 -10.87 20.54 14.40
CA PRO A 326 -12.10 20.26 13.64
C PRO A 326 -11.91 19.22 12.57
N GLY A 327 -10.77 19.25 11.88
CA GLY A 327 -10.50 18.25 10.87
C GLY A 327 -10.33 16.87 11.47
N LEU A 328 -9.68 16.78 12.64
CA LEU A 328 -9.58 15.50 13.33
C LEU A 328 -10.96 14.96 13.69
N MET A 329 -11.83 15.82 14.20
CA MET A 329 -13.18 15.37 14.57
C MET A 329 -13.96 14.89 13.35
N VAL A 330 -13.89 15.63 12.24
CA VAL A 330 -14.65 15.21 11.06
C VAL A 330 -14.05 13.95 10.44
N MET A 331 -12.72 13.79 10.47
CA MET A 331 -12.11 12.58 9.95
C MET A 331 -12.51 11.38 10.78
N LEU A 332 -12.54 11.52 12.11
CA LEU A 332 -13.02 10.44 12.96
C LEU A 332 -14.51 10.20 12.75
N GLY A 333 -15.25 11.26 12.45
CA GLY A 333 -16.69 11.10 12.20
C GLY A 333 -16.98 10.29 10.96
N LEU A 334 -16.19 10.50 9.90
CA LEU A 334 -16.40 9.75 8.66
C LEU A 334 -16.36 8.25 8.88
N PHE A 335 -15.65 7.79 9.92
CA PHE A 335 -15.56 6.37 10.22
C PHE A 335 -16.39 5.95 11.42
N LEU A 336 -16.82 6.89 12.26
CA LEU A 336 -17.60 6.57 13.45
C LEU A 336 -19.09 6.67 13.23
N VAL A 337 -19.56 7.66 12.46
CA VAL A 337 -20.99 7.78 12.17
C VAL A 337 -21.51 6.56 11.45
N PRO A 338 -20.86 6.03 10.40
CA PRO A 338 -21.32 4.76 9.83
C PRO A 338 -21.34 3.63 10.85
N ALA A 339 -20.39 3.59 11.78
CA ALA A 339 -20.40 2.56 12.80
C ALA A 339 -21.64 2.67 13.69
N VAL A 340 -21.99 3.89 14.09
CA VAL A 340 -23.17 4.09 14.92
C VAL A 340 -24.42 3.71 14.16
N LEU A 341 -24.51 4.10 12.89
CA LEU A 341 -25.68 3.75 12.08
C LEU A 341 -25.80 2.24 11.90
N PHE A 342 -24.67 1.57 11.68
CA PHE A 342 -24.69 0.12 11.54
C PHE A 342 -25.10 -0.56 12.84
N ALA A 343 -24.63 -0.06 13.98
CA ALA A 343 -25.04 -0.62 15.26
C ALA A 343 -26.54 -0.42 15.48
N ARG A 344 -27.05 0.76 15.16
CA ARG A 344 -28.48 1.05 15.30
C ARG A 344 -29.34 0.20 14.39
N ALA A 345 -28.89 -0.08 13.17
CA ALA A 345 -29.61 -0.98 12.28
C ALA A 345 -29.52 -2.43 12.73
N LEU A 346 -28.35 -2.85 13.21
CA LEU A 346 -28.18 -4.22 13.68
C LEU A 346 -29.06 -4.51 14.90
N ARG A 347 -29.16 -3.55 15.83
CA ARG A 347 -30.01 -3.74 16.99
C ARG A 347 -31.47 -3.93 16.58
N ALA A 348 -31.95 -3.08 15.66
CA ALA A 348 -33.34 -3.20 15.21
C ALA A 348 -33.57 -4.51 14.48
N ALA A 349 -32.62 -4.90 13.62
CA ALA A 349 -32.77 -6.16 12.88
C ALA A 349 -32.80 -7.35 13.83
N ARG A 350 -31.92 -7.35 14.85
CA ARG A 350 -31.91 -8.43 15.82
C ARG A 350 -33.21 -8.46 16.62
N SER A 351 -33.73 -7.29 17.00
CA SER A 351 -35.02 -7.25 17.68
C SER A 351 -36.16 -7.70 16.79
N LEU A 352 -36.01 -7.60 15.47
CA LEU A 352 -37.04 -8.01 14.52
C LEU A 352 -36.84 -9.43 14.00
N GLY A 353 -35.73 -10.07 14.35
CA GLY A 353 -35.38 -11.35 13.74
C GLY A 353 -34.48 -11.15 12.54
N ASN A 354 -35.00 -11.41 11.33
CA ASN A 354 -34.44 -10.96 10.06
C ASN A 354 -32.93 -11.12 10.01
N PRO A 355 -32.41 -12.34 9.88
CA PRO A 355 -30.96 -12.54 9.96
C PRO A 355 -30.17 -11.80 8.88
N GLN A 356 -30.79 -11.52 7.73
CA GLN A 356 -30.07 -10.85 6.65
C GLN A 356 -29.63 -9.44 7.08
N GLY A 357 -30.52 -8.69 7.73
CA GLY A 357 -30.16 -7.37 8.20
C GLY A 357 -29.08 -7.39 9.26
N VAL A 358 -29.14 -8.36 10.18
CA VAL A 358 -28.12 -8.47 11.21
C VAL A 358 -26.76 -8.77 10.58
N SER A 359 -26.73 -9.69 9.61
CA SER A 359 -25.48 -10.01 8.94
C SER A 359 -24.95 -8.81 8.17
N LEU A 360 -25.84 -8.05 7.53
CA LEU A 360 -25.43 -6.86 6.81
C LEU A 360 -24.82 -5.82 7.75
N GLY A 361 -25.46 -5.59 8.90
CA GLY A 361 -24.91 -4.67 9.87
C GLY A 361 -23.58 -5.12 10.43
N GLY A 362 -23.45 -6.42 10.68
CA GLY A 362 -22.17 -6.95 11.15
C GLY A 362 -21.07 -6.79 10.11
N ALA A 363 -21.40 -7.02 8.84
CA ALA A 363 -20.42 -6.81 7.78
C ALA A 363 -20.00 -5.35 7.70
N GLY A 364 -20.96 -4.42 7.83
CA GLY A 364 -20.61 -3.02 7.83
C GLY A 364 -19.72 -2.63 9.00
N LEU A 365 -20.03 -3.14 10.19
CA LEU A 365 -19.21 -2.85 11.37
C LEU A 365 -17.80 -3.41 11.20
N GLY A 366 -17.69 -4.63 10.65
CA GLY A 366 -16.37 -5.19 10.41
C GLY A 366 -15.59 -4.41 9.39
N VAL A 367 -16.26 -3.92 8.34
CA VAL A 367 -15.59 -3.08 7.34
C VAL A 367 -15.07 -1.80 7.99
N VAL A 368 -15.88 -1.18 8.84
CA VAL A 368 -15.45 0.04 9.53
C VAL A 368 -14.24 -0.25 10.41
N MET A 369 -14.28 -1.35 11.17
CA MET A 369 -13.16 -1.69 12.05
C MET A 369 -11.90 -1.96 11.25
N ALA A 370 -12.01 -2.68 10.14
CA ALA A 370 -10.84 -2.95 9.30
C ALA A 370 -10.28 -1.68 8.70
N SER A 371 -11.16 -0.77 8.28
CA SER A 371 -10.70 0.51 7.73
C SER A 371 -9.95 1.30 8.79
N LEU A 372 -10.45 1.31 10.03
CA LEU A 372 -9.74 2.00 11.10
C LEU A 372 -8.38 1.36 11.37
N ILE A 373 -8.33 0.02 11.41
CA ILE A 373 -7.06 -0.66 11.68
C ILE A 373 -6.07 -0.39 10.57
N SER A 374 -6.53 -0.37 9.32
CA SER A 374 -5.65 -0.01 8.20
C SER A 374 -5.17 1.42 8.33
N GLY A 375 -6.06 2.34 8.69
CA GLY A 375 -5.67 3.73 8.87
C GLY A 375 -4.72 3.94 10.03
N LEU A 376 -4.62 2.97 10.94
CA LEU A 376 -3.64 3.07 12.03
C LEU A 376 -2.22 3.12 11.51
N THR A 377 -1.94 2.59 10.32
CA THR A 377 -0.60 2.58 9.76
C THR A 377 -0.48 3.22 8.38
N GLN A 378 -1.55 3.81 7.86
CA GLN A 378 -1.50 4.47 6.56
C GLN A 378 -2.59 5.52 6.49
N VAL A 379 -2.46 6.42 5.51
CA VAL A 379 -3.46 7.46 5.28
C VAL A 379 -4.40 6.99 4.18
N THR A 380 -5.69 6.89 4.50
CA THR A 380 -6.66 6.38 3.53
C THR A 380 -6.93 7.41 2.43
N MET A 381 -6.88 8.70 2.76
CA MET A 381 -7.21 9.73 1.78
C MET A 381 -6.14 9.87 0.70
N ALA A 382 -4.98 9.26 0.87
CA ALA A 382 -3.91 9.40 -0.11
C ALA A 382 -4.28 8.74 -1.44
N HIS A 383 -4.91 7.56 -1.38
CA HIS A 383 -5.22 6.78 -2.56
C HIS A 383 -6.66 7.05 -2.99
N GLN A 384 -6.83 7.49 -4.25
CA GLN A 384 -8.18 7.76 -4.75
C GLN A 384 -9.01 6.50 -4.85
N ALA A 385 -8.41 5.40 -5.31
CA ALA A 385 -9.15 4.15 -5.45
C ALA A 385 -9.67 3.66 -4.10
N ASN A 386 -8.83 3.74 -3.07
CA ASN A 386 -9.25 3.33 -1.73
C ASN A 386 -10.42 4.19 -1.26
N VAL A 387 -10.34 5.51 -1.47
CA VAL A 387 -11.39 6.41 -1.02
C VAL A 387 -12.71 6.11 -1.72
N VAL A 388 -12.66 5.95 -3.04
CA VAL A 388 -13.90 5.72 -3.78
C VAL A 388 -14.49 4.36 -3.44
N PHE A 389 -13.64 3.33 -3.28
CA PHE A 389 -14.14 2.02 -2.89
C PHE A 389 -14.78 2.06 -1.51
N TYR A 390 -14.14 2.73 -0.55
CA TYR A 390 -14.70 2.83 0.79
C TYR A 390 -16.03 3.57 0.77
N ALA A 391 -16.09 4.69 0.05
CA ALA A 391 -17.32 5.47 -0.01
C ALA A 391 -18.45 4.64 -0.62
N GLY A 392 -18.18 3.99 -1.75
CA GLY A 392 -19.22 3.19 -2.39
C GLY A 392 -19.68 2.03 -1.53
N LEU A 393 -18.74 1.31 -0.92
CA LEU A 393 -19.11 0.16 -0.11
C LEU A 393 -19.92 0.57 1.11
N ILE A 394 -19.49 1.64 1.80
CA ILE A 394 -20.24 2.11 2.96
C ILE A 394 -21.63 2.59 2.55
N GLY A 395 -21.72 3.33 1.44
CA GLY A 395 -23.03 3.79 0.99
C GLY A 395 -23.97 2.65 0.67
N LEU A 396 -23.48 1.66 -0.08
CA LEU A 396 -24.31 0.53 -0.46
C LEU A 396 -24.73 -0.29 0.76
N LEU A 397 -23.78 -0.62 1.64
CA LEU A 397 -24.10 -1.41 2.82
C LEU A 397 -25.07 -0.66 3.72
N LEU A 398 -24.86 0.64 3.93
CA LEU A 398 -25.74 1.42 4.78
C LEU A 398 -27.15 1.48 4.19
N GLY A 399 -27.26 1.70 2.89
CA GLY A 399 -28.57 1.75 2.27
C GLY A 399 -29.33 0.44 2.38
N MET A 400 -28.64 -0.67 2.08
CA MET A 400 -29.30 -1.97 2.16
C MET A 400 -29.67 -2.32 3.60
N ALA A 401 -28.79 -2.01 4.55
CA ALA A 401 -29.09 -2.30 5.95
C ALA A 401 -30.26 -1.48 6.45
N GLY A 402 -30.32 -0.19 6.07
CA GLY A 402 -31.46 0.62 6.45
C GLY A 402 -32.76 0.12 5.83
N ARG A 403 -32.70 -0.28 4.56
CA ARG A 403 -33.90 -0.84 3.91
C ARG A 403 -34.36 -2.10 4.62
N GLU A 404 -33.42 -2.97 5.00
CA GLU A 404 -33.78 -4.20 5.69
C GLU A 404 -34.36 -3.93 7.06
N ALA A 405 -33.75 -3.01 7.82
CA ALA A 405 -34.19 -2.77 9.20
C ALA A 405 -35.52 -2.05 9.23
N HIS A 406 -35.68 -1.00 8.41
CA HIS A 406 -36.90 -0.19 8.47
C HIS A 406 -38.12 -1.00 8.00
N SER A 407 -37.98 -1.75 6.93
CA SER A 407 -39.09 -2.51 6.37
C SER A 407 -38.68 -3.91 5.93
N VAL B 5 24.10 2.91 9.02
CA VAL B 5 23.89 1.79 8.10
C VAL B 5 25.06 1.68 7.14
N GLN B 6 25.66 0.49 7.08
CA GLN B 6 26.81 0.25 6.23
C GLN B 6 26.75 -1.15 5.66
N LEU B 7 27.05 -1.26 4.36
CA LEU B 7 27.16 -2.55 3.69
C LEU B 7 28.57 -2.68 3.14
N VAL B 8 29.28 -3.72 3.58
CA VAL B 8 30.66 -3.96 3.18
C VAL B 8 30.77 -5.38 2.64
N GLU B 9 31.40 -5.53 1.48
CA GLU B 9 31.55 -6.82 0.84
C GLU B 9 33.01 -7.07 0.51
N SER B 10 33.37 -8.35 0.47
CA SER B 10 34.72 -8.77 0.13
C SER B 10 34.68 -10.19 -0.41
N GLY B 11 35.67 -10.51 -1.23
CA GLY B 11 35.76 -11.85 -1.80
C GLY B 11 36.19 -11.88 -3.26
N GLY B 12 36.40 -10.72 -3.86
CA GLY B 12 36.82 -10.66 -5.24
C GLY B 12 38.27 -11.07 -5.45
N GLY B 13 38.60 -11.41 -6.68
CA GLY B 13 39.96 -11.81 -6.99
C GLY B 13 40.03 -12.49 -8.36
N LEU B 14 41.12 -13.23 -8.55
CA LEU B 14 41.36 -13.93 -9.81
C LEU B 14 40.72 -15.31 -9.77
N VAL B 15 39.78 -15.54 -10.67
CA VAL B 15 39.10 -16.83 -10.80
C VAL B 15 39.16 -17.25 -12.26
N GLN B 16 39.83 -18.36 -12.54
CA GLN B 16 39.89 -18.87 -13.90
C GLN B 16 38.50 -19.38 -14.32
N PRO B 17 38.20 -19.37 -15.62
CA PRO B 17 36.88 -19.83 -16.06
C PRO B 17 36.64 -21.28 -15.69
N GLY B 18 35.40 -21.57 -15.30
CA GLY B 18 35.05 -22.86 -14.77
C GLY B 18 35.27 -23.02 -13.28
N GLY B 19 35.69 -21.96 -12.59
CA GLY B 19 35.95 -22.04 -11.17
C GLY B 19 34.74 -21.69 -10.32
N SER B 20 34.98 -21.41 -9.04
CA SER B 20 33.91 -21.09 -8.10
C SER B 20 34.45 -20.10 -7.07
N LEU B 21 33.58 -19.18 -6.67
CA LEU B 21 33.98 -18.13 -5.74
C LEU B 21 32.74 -17.61 -5.02
N ARG B 22 32.90 -17.27 -3.74
CA ARG B 22 31.81 -16.82 -2.89
C ARG B 22 32.04 -15.37 -2.50
N LEU B 23 31.03 -14.53 -2.68
CA LEU B 23 31.07 -13.14 -2.27
C LEU B 23 30.25 -12.96 -1.01
N SER B 24 30.87 -12.39 0.03
CA SER B 24 30.23 -12.17 1.31
C SER B 24 29.97 -10.69 1.49
N CYS B 25 28.73 -10.33 1.83
CA CYS B 25 28.32 -8.93 1.97
C CYS B 25 27.92 -8.71 3.42
N ALA B 26 28.90 -8.34 4.26
CA ALA B 26 28.62 -8.04 5.64
C ALA B 26 27.83 -6.74 5.76
N ALA B 27 26.86 -6.73 6.68
CA ALA B 27 25.99 -5.58 6.89
C ALA B 27 26.04 -5.14 8.34
N SER B 28 25.69 -3.87 8.55
CA SER B 28 25.66 -3.28 9.89
C SER B 28 24.66 -2.14 9.88
N GLY B 29 24.17 -1.80 11.07
CA GLY B 29 23.21 -0.74 11.23
C GLY B 29 21.77 -1.14 10.96
N PHE B 30 21.52 -2.38 10.58
CA PHE B 30 20.17 -2.88 10.34
C PHE B 30 20.20 -4.40 10.43
N ASN B 31 19.06 -5.04 10.18
CA ASN B 31 18.92 -6.48 10.30
C ASN B 31 18.65 -7.04 8.91
N VAL B 32 19.45 -8.02 8.49
CA VAL B 32 19.37 -8.54 7.13
C VAL B 32 18.08 -9.30 6.90
N TYR B 33 17.61 -10.05 7.89
CA TYR B 33 16.40 -10.86 7.69
C TYR B 33 15.14 -10.00 7.68
N SER B 34 15.25 -8.72 8.03
CA SER B 34 14.11 -7.82 7.96
C SER B 34 13.97 -7.24 6.56
N SER B 35 15.03 -6.63 6.03
CA SER B 35 15.01 -6.07 4.69
C SER B 35 15.44 -7.14 3.68
N SER B 36 15.72 -6.72 2.45
CA SER B 36 16.16 -7.62 1.40
C SER B 36 17.46 -7.10 0.81
N ILE B 37 18.27 -8.03 0.30
CA ILE B 37 19.58 -7.72 -0.26
C ILE B 37 19.57 -8.07 -1.74
N HIS B 38 19.96 -7.12 -2.57
CA HIS B 38 20.03 -7.29 -4.02
C HIS B 38 21.48 -7.18 -4.47
N TRP B 39 21.88 -8.07 -5.37
CA TRP B 39 23.21 -8.03 -5.96
C TRP B 39 23.15 -7.44 -7.36
N VAL B 40 24.01 -6.45 -7.62
CA VAL B 40 24.08 -5.78 -8.91
C VAL B 40 25.54 -5.74 -9.34
N ARG B 41 25.80 -6.13 -10.58
CA ARG B 41 27.13 -6.14 -11.13
C ARG B 41 27.23 -5.16 -12.29
N GLN B 42 28.41 -4.58 -12.47
CA GLN B 42 28.67 -3.66 -13.57
C GLN B 42 29.93 -4.10 -14.28
N ALA B 43 29.80 -4.46 -15.56
CA ALA B 43 30.95 -4.85 -16.34
C ALA B 43 31.87 -3.66 -16.55
N PRO B 44 33.17 -3.90 -16.75
CA PRO B 44 34.12 -2.78 -16.92
C PRO B 44 33.76 -1.95 -18.15
N GLY B 45 33.47 -0.67 -17.91
CA GLY B 45 33.09 0.22 -18.99
C GLY B 45 31.75 -0.12 -19.62
N LYS B 46 30.78 -0.52 -18.80
CA LYS B 46 29.44 -0.84 -19.29
C LYS B 46 28.45 -0.46 -18.19
N GLY B 47 27.16 -0.75 -18.43
CA GLY B 47 26.12 -0.33 -17.52
C GLY B 47 25.85 -1.32 -16.40
N LEU B 48 24.98 -0.91 -15.48
CA LEU B 48 24.61 -1.74 -14.36
C LEU B 48 23.81 -2.95 -14.82
N GLU B 49 23.96 -4.07 -14.10
CA GLU B 49 23.29 -5.32 -14.42
C GLU B 49 22.87 -6.00 -13.12
N TRP B 50 21.60 -6.37 -13.05
CA TRP B 50 21.07 -7.11 -11.92
C TRP B 50 21.24 -8.61 -12.11
N VAL B 51 21.51 -9.31 -11.01
CA VAL B 51 21.72 -10.75 -11.08
C VAL B 51 20.75 -11.52 -10.18
N ALA B 52 20.58 -11.09 -8.93
CA ALA B 52 19.77 -11.87 -8.00
C ALA B 52 19.39 -11.02 -6.80
N TYR B 53 18.43 -11.53 -6.03
CA TYR B 53 18.11 -10.98 -4.72
C TYR B 53 17.39 -12.04 -3.90
N ILE B 54 17.08 -11.68 -2.65
CA ILE B 54 16.30 -12.53 -1.75
C ILE B 54 15.11 -11.73 -1.25
N SER B 55 14.08 -12.43 -0.78
CA SER B 55 12.93 -11.75 -0.21
C SER B 55 13.22 -11.33 1.22
N SER B 56 12.30 -10.54 1.78
CA SER B 56 12.48 -10.02 3.13
C SER B 56 12.52 -11.14 4.17
N TYR B 57 11.42 -11.86 4.32
CA TYR B 57 11.31 -12.90 5.35
C TYR B 57 11.19 -14.31 4.79
N TYR B 58 10.38 -14.49 3.74
CA TYR B 58 10.18 -15.83 3.19
C TYR B 58 11.45 -16.41 2.58
N GLY B 59 12.38 -15.57 2.15
CA GLY B 59 13.61 -16.06 1.57
C GLY B 59 13.52 -16.51 0.13
N SER B 60 12.43 -16.19 -0.56
CA SER B 60 12.31 -16.56 -1.97
C SER B 60 13.37 -15.85 -2.80
N THR B 61 13.95 -16.59 -3.74
CA THR B 61 15.08 -16.10 -4.52
C THR B 61 14.73 -16.09 -6.00
N TYR B 62 15.17 -15.04 -6.69
CA TYR B 62 15.02 -14.92 -8.14
C TYR B 62 16.37 -14.59 -8.74
N TYR B 63 16.63 -15.13 -9.93
CA TYR B 63 17.91 -14.99 -10.58
C TYR B 63 17.72 -14.47 -12.00
N ALA B 64 18.76 -13.83 -12.52
CA ALA B 64 18.72 -13.30 -13.87
C ALA B 64 18.82 -14.45 -14.89
N ASP B 65 18.56 -14.12 -16.14
CA ASP B 65 18.55 -15.13 -17.19
C ASP B 65 19.93 -15.74 -17.39
N SER B 66 20.98 -14.91 -17.36
CA SER B 66 22.32 -15.39 -17.66
C SER B 66 22.91 -16.17 -16.50
N VAL B 67 22.51 -15.85 -15.27
CA VAL B 67 23.18 -16.39 -14.09
C VAL B 67 22.35 -17.45 -13.37
N LYS B 68 21.14 -17.74 -13.84
CA LYS B 68 20.31 -18.74 -13.18
C LYS B 68 20.89 -20.13 -13.35
N GLY B 69 20.79 -20.95 -12.31
CA GLY B 69 21.32 -22.28 -12.31
C GLY B 69 22.75 -22.41 -11.85
N ARG B 70 23.50 -21.31 -11.80
CA ARG B 70 24.89 -21.31 -11.38
C ARG B 70 25.16 -20.43 -10.16
N PHE B 71 24.25 -19.51 -9.85
CA PHE B 71 24.43 -18.58 -8.74
C PHE B 71 23.49 -18.98 -7.61
N THR B 72 24.02 -19.03 -6.39
CA THR B 72 23.25 -19.42 -5.22
C THR B 72 23.35 -18.31 -4.17
N ILE B 73 22.34 -17.47 -4.10
CA ILE B 73 22.28 -16.40 -3.10
C ILE B 73 21.69 -16.97 -1.82
N SER B 74 22.19 -16.47 -0.69
CA SER B 74 21.76 -16.96 0.61
C SER B 74 21.96 -15.88 1.65
N ALA B 75 21.34 -16.08 2.81
CA ALA B 75 21.44 -15.15 3.92
C ALA B 75 21.74 -15.93 5.20
N ASP B 76 22.33 -15.23 6.17
CA ASP B 76 22.68 -15.83 7.45
C ASP B 76 22.37 -14.82 8.54
N THR B 77 21.22 -14.99 9.20
CA THR B 77 20.80 -14.04 10.21
C THR B 77 21.72 -14.04 11.43
N SER B 78 22.36 -15.19 11.72
CA SER B 78 23.24 -15.25 12.88
C SER B 78 24.44 -14.32 12.73
N LYS B 79 25.04 -14.30 11.54
CA LYS B 79 26.16 -13.43 11.26
C LYS B 79 25.75 -12.14 10.55
N ASN B 80 24.47 -12.00 10.22
CA ASN B 80 23.93 -10.79 9.57
C ASN B 80 24.69 -10.46 8.29
N THR B 81 24.95 -11.49 7.50
CA THR B 81 25.66 -11.34 6.23
C THR B 81 24.85 -12.02 5.12
N ALA B 82 25.08 -11.56 3.89
CA ALA B 82 24.47 -12.14 2.71
C ALA B 82 25.55 -12.64 1.78
N TYR B 83 25.35 -13.83 1.23
CA TYR B 83 26.33 -14.45 0.34
C TYR B 83 25.70 -14.70 -1.03
N LEU B 84 26.54 -14.58 -2.05
CA LEU B 84 26.19 -14.99 -3.40
C LEU B 84 27.24 -15.98 -3.89
N GLN B 85 26.88 -17.25 -3.96
CA GLN B 85 27.80 -18.31 -4.36
C GLN B 85 27.83 -18.36 -5.88
N MET B 86 29.02 -18.13 -6.44
CA MET B 86 29.21 -18.06 -7.88
C MET B 86 29.87 -19.35 -8.35
N ASN B 87 29.27 -20.01 -9.33
CA ASN B 87 29.74 -21.30 -9.81
C ASN B 87 29.78 -21.29 -11.33
N SER B 88 30.67 -22.12 -11.88
CA SER B 88 30.85 -22.28 -13.33
C SER B 88 31.09 -20.92 -13.99
N LEU B 89 32.12 -20.23 -13.50
CA LEU B 89 32.44 -18.90 -14.00
C LEU B 89 32.93 -18.96 -15.44
N ARG B 90 32.60 -17.92 -16.20
CA ARG B 90 33.10 -17.74 -17.55
C ARG B 90 33.65 -16.33 -17.69
N ALA B 91 34.34 -16.09 -18.82
CA ALA B 91 35.00 -14.81 -19.03
C ALA B 91 34.00 -13.66 -19.15
N GLU B 92 32.73 -13.94 -19.41
CA GLU B 92 31.71 -12.91 -19.54
C GLU B 92 31.16 -12.44 -18.18
N ASP B 93 31.57 -13.07 -17.09
CA ASP B 93 31.10 -12.70 -15.76
C ASP B 93 32.02 -11.72 -15.05
N THR B 94 33.05 -11.22 -15.73
CA THR B 94 33.97 -10.27 -15.12
C THR B 94 33.28 -8.93 -14.95
N ALA B 95 33.13 -8.48 -13.71
CA ALA B 95 32.44 -7.23 -13.41
C ALA B 95 32.72 -6.85 -11.97
N VAL B 96 32.27 -5.66 -11.59
CA VAL B 96 32.32 -5.20 -10.22
C VAL B 96 30.95 -5.43 -9.58
N TYR B 97 30.91 -6.21 -8.50
CA TYR B 97 29.67 -6.65 -7.89
C TYR B 97 29.33 -5.77 -6.70
N TYR B 98 28.14 -5.20 -6.70
CA TYR B 98 27.67 -4.33 -5.64
C TYR B 98 26.56 -5.02 -4.85
N CYS B 99 26.40 -4.59 -3.61
CA CYS B 99 25.25 -4.99 -2.81
C CYS B 99 24.17 -3.93 -2.94
N ALA B 100 22.99 -4.20 -2.37
CA ALA B 100 21.91 -3.24 -2.39
C ALA B 100 20.87 -3.58 -1.34
N ARG B 101 20.24 -2.56 -0.77
CA ARG B 101 19.18 -2.75 0.22
C ARG B 101 17.98 -1.90 -0.20
N ILE B 102 16.80 -2.52 -0.26
CA ILE B 102 15.62 -1.78 -0.68
C ILE B 102 15.21 -0.81 0.42
N MET B 103 14.45 0.21 0.03
CA MET B 103 13.90 1.14 1.01
C MET B 103 12.81 0.46 1.82
N PHE B 104 12.35 1.15 2.86
CA PHE B 104 11.28 0.63 3.68
C PHE B 104 10.03 0.40 2.85
N LYS B 105 9.37 -0.74 3.07
CA LYS B 105 8.25 -1.13 2.22
C LYS B 105 7.10 -0.14 2.30
N TRP B 106 6.86 0.44 3.47
CA TRP B 106 5.77 1.41 3.60
C TRP B 106 6.11 2.71 2.89
N VAL B 107 7.39 3.11 2.88
CA VAL B 107 7.78 4.31 2.17
C VAL B 107 7.63 4.13 0.67
N SER B 108 8.13 3.02 0.12
CA SER B 108 8.01 2.73 -1.30
C SER B 108 7.45 1.32 -1.46
N PRO B 109 6.27 1.17 -2.07
CA PRO B 109 5.70 -0.17 -2.25
C PRO B 109 6.58 -1.08 -3.09
N ASN B 110 7.34 -0.54 -4.03
CA ASN B 110 8.19 -1.31 -4.92
C ASN B 110 9.64 -1.12 -4.54
N MET B 111 10.47 -2.09 -4.93
CA MET B 111 11.87 -2.11 -4.51
C MET B 111 12.66 -0.98 -5.15
N ALA B 112 13.54 -0.38 -4.35
CA ALA B 112 14.42 0.69 -4.82
C ALA B 112 15.62 0.75 -3.91
N PHE B 113 16.82 0.63 -4.49
CA PHE B 113 18.03 0.54 -3.67
C PHE B 113 18.43 1.91 -3.12
N ASP B 114 18.59 1.98 -1.81
CA ASP B 114 18.96 3.19 -1.10
C ASP B 114 20.39 3.22 -0.55
N TYR B 115 20.82 2.19 0.19
CA TYR B 115 22.23 2.03 0.53
C TYR B 115 22.83 0.92 -0.33
N TRP B 116 24.02 1.19 -0.87
CA TRP B 116 24.79 0.25 -1.68
C TRP B 116 26.05 -0.14 -0.91
N GLY B 117 26.91 -0.93 -1.57
CA GLY B 117 28.18 -1.31 -1.04
C GLY B 117 29.33 -0.67 -1.79
N GLN B 118 30.54 -0.90 -1.27
CA GLN B 118 31.73 -0.33 -1.91
C GLN B 118 32.07 -1.06 -3.20
N GLY B 119 31.58 -2.29 -3.38
CA GLY B 119 31.78 -3.02 -4.60
C GLY B 119 33.10 -3.76 -4.69
N THR B 120 33.07 -4.99 -5.18
CA THR B 120 34.27 -5.82 -5.29
C THR B 120 34.48 -6.24 -6.73
N LEU B 121 35.75 -6.39 -7.10
CA LEU B 121 36.14 -6.71 -8.47
C LEU B 121 36.46 -8.19 -8.57
N VAL B 122 35.81 -8.88 -9.50
CA VAL B 122 36.04 -10.29 -9.75
C VAL B 122 36.44 -10.44 -11.22
N THR B 123 37.49 -11.22 -11.46
CA THR B 123 37.97 -11.45 -12.82
C THR B 123 37.94 -12.93 -13.16
N ASP C 2 12.55 -10.73 -20.52
CA ASP C 2 12.32 -9.77 -19.45
C ASP C 2 11.71 -8.48 -19.99
N ILE C 3 11.91 -7.39 -19.27
CA ILE C 3 11.40 -6.07 -19.65
C ILE C 3 12.58 -5.21 -20.07
N GLN C 4 12.50 -4.63 -21.26
CA GLN C 4 13.62 -3.90 -21.85
C GLN C 4 13.34 -2.40 -21.84
N MET C 5 14.36 -1.62 -21.49
CA MET C 5 14.29 -0.16 -21.51
C MET C 5 15.31 0.40 -22.48
N THR C 6 14.95 1.52 -23.10
CA THR C 6 15.88 2.30 -23.92
C THR C 6 15.93 3.72 -23.37
N GLN C 7 17.15 4.24 -23.21
CA GLN C 7 17.36 5.61 -22.74
C GLN C 7 17.88 6.47 -23.89
N SER C 8 17.38 7.69 -23.97
CA SER C 8 17.80 8.64 -24.98
C SER C 8 17.92 10.02 -24.35
N PRO C 9 19.01 10.75 -24.63
CA PRO C 9 20.14 10.30 -25.44
C PRO C 9 21.07 9.35 -24.67
N SER C 10 21.85 8.55 -25.40
CA SER C 10 22.81 7.66 -24.76
C SER C 10 23.90 8.46 -24.06
N SER C 11 24.26 9.62 -24.62
CA SER C 11 25.27 10.49 -24.02
C SER C 11 25.01 11.91 -24.48
N LEU C 12 24.85 12.83 -23.54
CA LEU C 12 24.57 14.23 -23.85
C LEU C 12 25.65 15.11 -23.23
N SER C 13 25.77 16.32 -23.76
CA SER C 13 26.74 17.29 -23.27
C SER C 13 26.09 18.67 -23.23
N ALA C 14 26.02 19.26 -22.04
CA ALA C 14 25.37 20.55 -21.87
C ALA C 14 26.13 21.36 -20.84
N SER C 15 26.22 22.67 -21.06
CA SER C 15 26.91 23.55 -20.14
C SER C 15 26.07 23.76 -18.88
N VAL C 16 26.69 24.41 -17.90
CA VAL C 16 26.01 24.65 -16.63
C VAL C 16 24.89 25.68 -16.82
N GLY C 17 23.80 25.49 -16.10
CA GLY C 17 22.69 26.41 -16.12
C GLY C 17 21.60 26.09 -17.13
N ASP C 18 21.90 25.27 -18.13
CA ASP C 18 20.89 24.87 -19.12
C ASP C 18 20.26 23.56 -18.67
N ARG C 19 18.94 23.56 -18.54
CA ARG C 19 18.24 22.38 -18.03
C ARG C 19 18.29 21.23 -19.02
N VAL C 20 18.45 20.01 -18.51
CA VAL C 20 18.54 18.81 -19.32
C VAL C 20 17.42 17.87 -18.93
N THR C 21 16.92 17.10 -19.90
CA THR C 21 15.90 16.10 -19.67
C THR C 21 16.37 14.75 -20.19
N ILE C 22 16.05 13.69 -19.45
CA ILE C 22 16.45 12.33 -19.79
C ILE C 22 15.18 11.49 -19.94
N THR C 23 15.09 10.78 -21.07
CA THR C 23 13.91 9.98 -21.40
C THR C 23 14.23 8.51 -21.22
N CYS C 24 13.40 7.80 -20.47
CA CYS C 24 13.52 6.37 -20.26
C CYS C 24 12.23 5.70 -20.72
N ARG C 25 12.36 4.72 -21.61
CA ARG C 25 11.21 4.03 -22.20
C ARG C 25 10.94 2.74 -21.43
N ALA C 26 10.03 1.92 -21.94
CA ALA C 26 9.73 0.62 -21.35
C ALA C 26 9.00 -0.27 -22.35
N SER C 27 9.49 -1.50 -22.52
CA SER C 27 8.88 -2.41 -23.50
C SER C 27 7.46 -2.78 -23.10
N GLN C 28 7.22 -3.05 -21.83
CA GLN C 28 5.91 -3.43 -21.32
C GLN C 28 5.42 -2.37 -20.33
N SER C 29 4.30 -2.66 -19.69
CA SER C 29 3.64 -1.70 -18.80
C SER C 29 4.20 -1.83 -17.40
N VAL C 30 5.01 -0.85 -16.99
CA VAL C 30 5.45 -0.69 -15.60
C VAL C 30 4.71 0.51 -15.01
N SER C 31 3.91 0.26 -13.98
CA SER C 31 2.99 1.27 -13.48
C SER C 31 3.71 2.48 -12.89
N SER C 32 4.42 2.29 -11.78
CA SER C 32 5.12 3.41 -11.16
C SER C 32 6.46 2.98 -10.55
N ALA C 33 6.89 1.75 -10.76
CA ALA C 33 8.08 1.22 -10.08
C ALA C 33 9.35 1.58 -10.85
N VAL C 34 9.54 2.88 -11.05
CA VAL C 34 10.70 3.39 -11.78
C VAL C 34 11.53 4.25 -10.84
N ALA C 35 12.79 3.89 -10.68
CA ALA C 35 13.73 4.62 -9.85
C ALA C 35 14.89 5.11 -10.69
N TRP C 36 15.51 6.20 -10.23
CA TRP C 36 16.62 6.82 -10.95
C TRP C 36 17.83 6.91 -10.03
N TYR C 37 19.01 6.65 -10.59
CA TYR C 37 20.26 6.61 -9.84
C TYR C 37 21.29 7.48 -10.53
N GLN C 38 22.24 7.96 -9.74
CA GLN C 38 23.39 8.70 -10.25
C GLN C 38 24.66 7.99 -9.83
N GLN C 39 25.50 7.64 -10.81
CA GLN C 39 26.76 6.97 -10.56
C GLN C 39 27.90 7.85 -11.05
N LYS C 40 28.80 8.21 -10.16
CA LYS C 40 30.02 8.91 -10.52
C LYS C 40 31.12 7.90 -10.83
N PRO C 41 32.12 8.27 -11.63
CA PRO C 41 33.16 7.31 -12.02
C PRO C 41 33.84 6.68 -10.82
N GLY C 42 33.91 5.35 -10.82
CA GLY C 42 34.58 4.60 -9.78
C GLY C 42 33.96 4.72 -8.41
N LYS C 43 32.63 4.80 -8.34
CA LYS C 43 31.93 4.88 -7.06
C LYS C 43 30.56 4.23 -7.19
N ALA C 44 30.00 3.85 -6.05
CA ALA C 44 28.69 3.23 -6.03
C ALA C 44 27.62 4.25 -6.42
N PRO C 45 26.58 3.82 -7.14
CA PRO C 45 25.51 4.76 -7.49
C PRO C 45 24.69 5.14 -6.27
N LYS C 46 24.09 6.33 -6.35
CA LYS C 46 23.23 6.85 -5.28
C LYS C 46 21.84 7.10 -5.83
N LEU C 47 20.83 6.71 -5.05
CA LEU C 47 19.45 6.86 -5.47
C LEU C 47 19.07 8.34 -5.51
N LEU C 48 18.34 8.72 -6.56
CA LEU C 48 17.86 10.08 -6.72
C LEU C 48 16.36 10.19 -6.58
N ILE C 49 15.60 9.37 -7.32
CA ILE C 49 14.15 9.45 -7.36
C ILE C 49 13.59 8.04 -7.27
N TYR C 50 12.59 7.85 -6.40
CA TYR C 50 11.90 6.58 -6.28
C TYR C 50 10.42 6.78 -6.61
N SER C 51 9.82 5.73 -7.17
CA SER C 51 8.43 5.74 -7.64
C SER C 51 8.20 6.77 -8.75
N ALA C 52 9.28 7.21 -9.40
CA ALA C 52 9.32 8.08 -10.56
C ALA C 52 8.93 9.51 -10.26
N SER C 53 8.46 9.82 -9.04
CA SER C 53 8.07 11.19 -8.75
C SER C 53 8.47 11.66 -7.35
N SER C 54 9.20 10.86 -6.57
CA SER C 54 9.54 11.20 -5.20
C SER C 54 11.05 11.22 -5.04
N LEU C 55 11.58 12.32 -4.53
CA LEU C 55 13.01 12.43 -4.32
C LEU C 55 13.45 11.64 -3.09
N TYR C 56 14.76 11.45 -2.96
CA TYR C 56 15.35 10.78 -1.82
C TYR C 56 16.03 11.78 -0.90
N SER C 57 16.37 11.33 0.30
CA SER C 57 17.01 12.19 1.28
C SER C 57 18.38 12.65 0.78
N GLY C 58 18.71 13.91 1.07
CA GLY C 58 19.96 14.47 0.61
C GLY C 58 20.06 14.63 -0.89
N VAL C 59 18.94 14.91 -1.54
CA VAL C 59 18.89 15.16 -2.98
C VAL C 59 18.35 16.56 -3.20
N PRO C 60 19.07 17.44 -3.89
CA PRO C 60 18.58 18.80 -4.09
C PRO C 60 17.28 18.83 -4.88
N SER C 61 16.51 19.90 -4.70
CA SER C 61 15.19 20.03 -5.30
C SER C 61 15.27 20.24 -6.80
N ARG C 62 16.48 20.43 -7.33
CA ARG C 62 16.66 20.59 -8.77
C ARG C 62 16.20 19.36 -9.53
N PHE C 63 16.53 18.17 -9.01
CA PHE C 63 16.13 16.93 -9.63
C PHE C 63 14.62 16.72 -9.49
N SER C 64 13.99 16.24 -10.56
CA SER C 64 12.56 15.95 -10.54
C SER C 64 12.23 15.01 -11.68
N GLY C 65 11.26 14.12 -11.43
CA GLY C 65 10.84 13.15 -12.41
C GLY C 65 9.34 13.17 -12.60
N SER C 66 8.90 12.53 -13.68
CA SER C 66 7.49 12.51 -14.04
C SER C 66 7.21 11.28 -14.90
N ARG C 67 5.94 10.94 -15.01
CA ARG C 67 5.48 9.81 -15.81
C ARG C 67 4.38 10.26 -16.75
N SER C 68 4.45 9.79 -18.00
CA SER C 68 3.40 10.00 -19.00
C SER C 68 3.13 8.66 -19.65
N GLY C 69 2.22 7.87 -19.06
CA GLY C 69 1.95 6.54 -19.53
C GLY C 69 3.11 5.59 -19.24
N THR C 70 3.81 5.17 -20.29
CA THR C 70 5.00 4.32 -20.15
C THR C 70 6.27 5.10 -20.43
N ASP C 71 6.19 6.43 -20.51
CA ASP C 71 7.33 7.29 -20.79
C ASP C 71 7.77 7.94 -19.48
N PHE C 72 8.87 7.44 -18.92
CA PHE C 72 9.41 7.97 -17.68
C PHE C 72 10.56 8.91 -17.98
N THR C 73 10.48 10.12 -17.43
CA THR C 73 11.41 11.19 -17.78
C THR C 73 11.94 11.86 -16.52
N LEU C 74 13.27 12.00 -16.45
CA LEU C 74 13.93 12.77 -15.42
C LEU C 74 14.47 14.07 -16.02
N THR C 75 14.33 15.15 -15.26
CA THR C 75 14.82 16.45 -15.69
C THR C 75 15.57 17.11 -14.56
N ILE C 76 16.55 17.94 -14.91
CA ILE C 76 17.34 18.71 -13.96
C ILE C 76 17.12 20.19 -14.26
N SER C 77 16.71 20.95 -13.24
CA SER C 77 16.41 22.36 -13.45
C SER C 77 17.64 23.13 -13.88
N SER C 78 18.78 22.87 -13.24
CA SER C 78 20.04 23.50 -13.61
C SER C 78 21.18 22.60 -13.18
N LEU C 79 22.23 22.56 -14.00
CA LEU C 79 23.38 21.70 -13.78
C LEU C 79 24.45 22.45 -13.00
N GLN C 80 24.70 22.02 -11.79
CA GLN C 80 25.83 22.43 -10.98
C GLN C 80 27.04 21.57 -11.35
N PRO C 81 28.26 22.02 -11.01
CA PRO C 81 29.45 21.28 -11.48
C PRO C 81 29.52 19.84 -11.01
N GLU C 82 28.77 19.46 -9.97
CA GLU C 82 28.73 18.07 -9.51
C GLU C 82 27.58 17.27 -10.11
N ASP C 83 26.87 17.81 -11.11
CA ASP C 83 25.79 17.11 -11.76
C ASP C 83 26.23 16.29 -12.98
N PHE C 84 27.53 16.25 -13.25
CA PHE C 84 28.06 15.58 -14.44
C PHE C 84 28.39 14.13 -14.09
N ALA C 85 27.43 13.24 -14.34
CA ALA C 85 27.61 11.82 -14.05
C ALA C 85 26.60 11.03 -14.85
N THR C 86 26.72 9.71 -14.81
CA THR C 86 25.82 8.82 -15.53
C THR C 86 24.58 8.53 -14.71
N TYR C 87 23.46 8.35 -15.41
CA TYR C 87 22.16 8.12 -14.78
C TYR C 87 21.51 6.87 -15.35
N TYR C 88 20.80 6.14 -14.50
CA TYR C 88 20.15 4.90 -14.88
C TYR C 88 18.70 4.88 -14.40
N CYS C 89 17.86 4.15 -15.13
CA CYS C 89 16.45 3.97 -14.77
C CYS C 89 16.14 2.49 -14.62
N GLN C 90 15.38 2.15 -13.59
CA GLN C 90 15.12 0.77 -13.19
C GLN C 90 13.63 0.52 -13.08
N GLN C 91 13.20 -0.71 -13.36
CA GLN C 91 11.85 -1.16 -13.05
C GLN C 91 11.89 -2.16 -11.91
N SER C 92 10.90 -2.04 -11.00
CA SER C 92 10.74 -3.01 -9.92
C SER C 92 9.36 -3.66 -9.96
N TYR C 93 8.53 -3.33 -10.94
CA TYR C 93 7.21 -3.93 -11.03
C TYR C 93 7.30 -5.43 -11.27
N TYR C 94 8.10 -5.83 -12.25
CA TYR C 94 8.35 -7.24 -12.50
C TYR C 94 9.38 -7.77 -11.51
N SER C 95 9.29 -9.06 -11.20
CA SER C 95 10.19 -9.66 -10.21
C SER C 95 11.64 -9.63 -10.68
N LEU C 96 11.89 -9.62 -11.98
CA LEU C 96 13.23 -9.52 -12.54
C LEU C 96 13.46 -8.07 -12.94
N VAL C 97 14.16 -7.32 -12.10
CA VAL C 97 14.38 -5.90 -12.35
C VAL C 97 15.35 -5.72 -13.51
N THR C 98 15.28 -4.54 -14.12
CA THR C 98 16.12 -4.25 -15.28
C THR C 98 16.52 -2.78 -15.25
N PHE C 99 17.80 -2.53 -15.50
CA PHE C 99 18.34 -1.18 -15.55
C PHE C 99 18.40 -0.71 -17.00
N GLY C 100 18.35 0.61 -17.18
CA GLY C 100 18.50 1.17 -18.50
C GLY C 100 19.94 1.08 -18.99
N GLN C 101 20.13 1.40 -20.27
CA GLN C 101 21.46 1.34 -20.85
C GLN C 101 22.40 2.34 -20.18
N GLY C 102 21.87 3.47 -19.71
CA GLY C 102 22.68 4.43 -18.98
C GLY C 102 23.10 5.63 -19.78
N THR C 103 22.47 6.77 -19.54
CA THR C 103 22.86 8.01 -20.17
C THR C 103 24.08 8.60 -19.47
N LYS C 104 24.76 9.52 -20.16
CA LYS C 104 25.94 10.16 -19.63
C LYS C 104 25.89 11.65 -19.95
N VAL C 105 26.30 12.46 -18.98
CA VAL C 105 26.28 13.91 -19.14
C VAL C 105 27.69 14.44 -19.35
C1 GPP D . 2.63 -3.56 11.18
O1 GPP D . 3.31 -2.47 10.61
C2 GPP D . 1.23 -3.10 11.62
C3 GPP D . 0.19 -3.94 11.51
C4 GPP D . 0.39 -5.37 10.96
C5 GPP D . -1.23 -3.47 11.96
C6 GPP D . -1.75 -4.39 13.06
C7 GPP D . -2.93 -3.71 13.79
C8 GPP D . -3.51 -4.32 14.84
C9 GPP D . -4.69 -3.64 15.57
C10 GPP D . -3.01 -5.68 15.31
PA GPP D . 3.70 -2.57 9.01
O1A GPP D . 5.09 -2.00 8.79
O2A GPP D . 3.65 -4.01 8.56
O3A GPP D . 2.60 -1.69 8.13
PB GPP D . 2.51 -1.72 6.49
O1B GPP D . 3.60 -0.84 5.91
O2B GPP D . 1.16 -1.22 6.04
O3B GPP D . 2.70 -3.13 5.99
#